data_3R10
#
_entry.id   3R10
#
_cell.length_a   120.680
_cell.length_b   120.680
_cell.length_c   150.020
_cell.angle_alpha   90.000
_cell.angle_beta   90.000
_cell.angle_gamma   90.000
#
_symmetry.space_group_name_H-M   'P 41 21 2'
#
loop_
_entity.id
_entity.type
_entity.pdbx_description
1 polymer 'Enzyme of enolase superfamily'
2 non-polymer 'SULFATE ION'
3 non-polymer 'MAGNESIUM ION'
4 non-polymer GLYCEROL
5 water water
#
_entity_poly.entity_id   1
_entity_poly.type   'polypeptide(L)'
_entity_poly.pdbx_seq_one_letter_code
;(MSE)VSKIIDIKTSIIKIPLKRTFITAVRSTNHIDSLAVELTLDNGVKGYGVAPATTAITGDTLQG(MSE)QYIIREIF
APVILGSDLSDYKQTLELAFKKV(MSE)FNSAAK(MSE)AIDLAYHDLLAKEQDISVAKLLGAKANSIVTDVSISCGNVA
ETIQNIQNGVEANFTAIKVKTGADFNRDIQLLKALDNEFSKNIKFRFDANQGWNLAQTKQFIEEINKYSLNVEIIEQPVK
YYDIKA(MSE)AEITKFSNIPVVADESVFDAKDAERVIDEQACN(MSE)INIKLAKTGGILEAQKIKKLADSAGISC
(MSE)VGC(MSE)(MSE)ESPAGILATASFALAEDITVADLDPLDWVAKDLYSDYITFNEPNIILKDNLKGFGFNLAENL
YFQSHHHHHHWSHPQFEK
;
_entity_poly.pdbx_strand_id   A,B
#
loop_
_chem_comp.id
_chem_comp.type
_chem_comp.name
_chem_comp.formula
GOL non-polymer GLYCEROL 'C3 H8 O3'
MG non-polymer 'MAGNESIUM ION' 'Mg 2'
SO4 non-polymer 'SULFATE ION' 'O4 S -2'
#
# COMPACT_ATOMS: atom_id res chain seq x y z
N VAL A 2 33.73 -11.02 -10.78
CA VAL A 2 32.55 -10.34 -10.29
C VAL A 2 31.29 -11.15 -10.63
N SER A 3 30.49 -11.47 -9.61
CA SER A 3 29.31 -12.29 -9.80
C SER A 3 28.13 -11.44 -10.27
N LYS A 4 27.40 -11.96 -11.25
CA LYS A 4 26.19 -11.30 -11.78
C LYS A 4 24.99 -12.21 -11.60
N ILE A 5 23.82 -11.64 -11.33
CA ILE A 5 22.60 -12.45 -11.26
C ILE A 5 22.10 -12.70 -12.69
N ILE A 6 22.06 -13.95 -13.10
CA ILE A 6 21.63 -14.32 -14.46
C ILE A 6 20.29 -15.03 -14.62
N ASP A 7 19.63 -15.36 -13.50
CA ASP A 7 18.34 -16.01 -13.57
C ASP A 7 17.48 -15.71 -12.34
N ILE A 8 16.17 -15.64 -12.55
CA ILE A 8 15.21 -15.46 -11.46
C ILE A 8 14.03 -16.41 -11.68
N LYS A 9 13.70 -17.20 -10.66
CA LYS A 9 12.53 -18.07 -10.70
C LYS A 9 11.65 -17.78 -9.49
N THR A 10 10.35 -18.03 -9.60
CA THR A 10 9.47 -17.94 -8.45
C THR A 10 8.66 -19.21 -8.31
N SER A 11 8.22 -19.49 -7.10
CA SER A 11 7.41 -20.66 -6.84
C SER A 11 6.45 -20.38 -5.71
N ILE A 12 5.21 -20.85 -5.85
CA ILE A 12 4.22 -20.70 -4.81
C ILE A 12 4.35 -21.89 -3.86
N ILE A 13 4.38 -21.63 -2.57
CA ILE A 13 4.53 -22.70 -1.59
C ILE A 13 3.38 -22.59 -0.63
N LYS A 14 2.65 -23.69 -0.46
CA LYS A 14 1.58 -23.73 0.53
C LYS A 14 1.91 -24.77 1.59
N ILE A 15 1.86 -24.33 2.83
CA ILE A 15 2.21 -25.16 3.97
C ILE A 15 0.98 -25.40 4.82
N PRO A 16 0.66 -26.67 5.09
CA PRO A 16 -0.50 -26.95 5.95
C PRO A 16 -0.22 -26.58 7.42
N LEU A 17 -1.23 -26.04 8.09
CA LEU A 17 -1.12 -25.69 9.49
C LEU A 17 -1.67 -26.81 10.35
N LYS A 18 -1.10 -27.00 11.53
CA LYS A 18 -1.54 -28.05 12.46
C LYS A 18 -2.97 -27.81 12.97
N ARG A 19 -3.39 -26.55 13.02
CA ARG A 19 -4.74 -26.19 13.44
C ARG A 19 -5.21 -24.96 12.68
N THR A 20 -6.52 -24.73 12.69
CA THR A 20 -7.11 -23.58 12.01
C THR A 20 -6.64 -22.26 12.61
N PHE A 21 -6.17 -21.38 11.75
CA PHE A 21 -5.69 -20.06 12.16
C PHE A 21 -6.75 -19.05 11.78
N ILE A 22 -7.31 -18.36 12.78
CA ILE A 22 -8.39 -17.42 12.53
C ILE A 22 -7.99 -16.01 12.94
N THR A 23 -8.17 -15.06 12.02
CA THR A 23 -7.87 -13.67 12.30
C THR A 23 -9.16 -12.85 12.28
N ALA A 24 -9.01 -11.53 12.41
CA ALA A 24 -10.15 -10.63 12.35
C ALA A 24 -10.92 -10.78 11.04
N VAL A 25 -10.19 -10.95 9.94
CA VAL A 25 -10.84 -11.06 8.63
C VAL A 25 -10.92 -12.40 7.91
N ARG A 26 -10.27 -13.45 8.43
CA ARG A 26 -10.16 -14.68 7.65
C ARG A 26 -9.88 -15.92 8.50
N SER A 27 -10.23 -17.08 7.95
CA SER A 27 -9.91 -18.36 8.58
C SER A 27 -9.15 -19.21 7.57
N THR A 28 -8.11 -19.91 8.01
CA THR A 28 -7.33 -20.70 7.07
C THR A 28 -6.64 -21.88 7.72
N ASN A 29 -6.44 -22.93 6.93
CA ASN A 29 -5.63 -24.08 7.30
C ASN A 29 -4.23 -24.18 6.70
N HIS A 30 -3.79 -23.16 5.98
CA HIS A 30 -2.46 -23.22 5.38
C HIS A 30 -1.82 -21.84 5.28
N ILE A 31 -0.50 -21.85 5.09
CA ILE A 31 0.24 -20.62 4.83
C ILE A 31 0.43 -20.47 3.32
N ASP A 32 0.12 -19.29 2.80
CA ASP A 32 0.43 -18.97 1.41
C ASP A 32 1.77 -18.24 1.36
N SER A 33 2.74 -18.76 0.62
CA SER A 33 4.02 -18.07 0.45
C SER A 33 4.45 -18.02 -1.00
N LEU A 34 5.20 -16.98 -1.37
CA LEU A 34 5.92 -17.00 -2.63
C LEU A 34 7.41 -17.09 -2.35
N ALA A 35 8.09 -18.01 -3.04
CA ALA A 35 9.53 -18.13 -2.90
C ALA A 35 10.19 -17.61 -4.15
N VAL A 36 11.36 -17.00 -4.00
CA VAL A 36 12.09 -16.57 -5.18
C VAL A 36 13.49 -17.18 -5.15
N GLU A 37 13.99 -17.56 -6.32
CA GLU A 37 15.35 -18.08 -6.46
C GLU A 37 16.15 -17.18 -7.38
N LEU A 38 17.29 -16.71 -6.89
CA LEU A 38 18.20 -15.93 -7.71
C LEU A 38 19.39 -16.80 -8.03
N THR A 39 19.82 -16.82 -9.29
CA THR A 39 21.00 -17.62 -9.66
C THR A 39 22.13 -16.74 -10.17
N LEU A 40 23.31 -16.89 -9.58
CA LEU A 40 24.53 -16.21 -10.05
C LEU A 40 25.16 -16.90 -11.24
N ASP A 41 26.02 -16.19 -11.96
CA ASP A 41 26.67 -16.79 -13.13
C ASP A 41 27.84 -17.69 -12.72
N ASN A 42 28.09 -17.83 -11.41
CA ASN A 42 28.98 -18.87 -10.89
C ASN A 42 28.23 -20.11 -10.39
N GLY A 43 26.91 -20.13 -10.60
CA GLY A 43 26.10 -21.28 -10.22
C GLY A 43 25.44 -21.23 -8.84
N VAL A 44 25.91 -20.36 -7.96
CA VAL A 44 25.34 -20.22 -6.61
C VAL A 44 23.91 -19.70 -6.67
N LYS A 45 23.01 -20.33 -5.93
CA LYS A 45 21.61 -19.93 -5.92
C LYS A 45 21.20 -19.40 -4.55
N GLY A 46 20.26 -18.47 -4.50
CA GLY A 46 19.85 -17.94 -3.21
C GLY A 46 18.36 -17.75 -3.20
N TYR A 47 17.79 -17.81 -2.00
CA TYR A 47 16.35 -18.01 -1.86
C TYR A 47 15.77 -17.04 -0.86
N GLY A 48 14.56 -16.58 -1.14
CA GLY A 48 13.83 -15.83 -0.14
C GLY A 48 12.37 -16.23 -0.25
N VAL A 49 11.67 -16.12 0.86
CA VAL A 49 10.30 -16.60 0.95
C VAL A 49 9.52 -15.59 1.74
N ALA A 50 8.35 -15.20 1.24
CA ALA A 50 7.54 -14.17 1.90
C ALA A 50 6.06 -14.57 1.86
N PRO A 51 5.28 -14.15 2.88
CA PRO A 51 3.86 -14.48 2.99
C PRO A 51 3.00 -13.56 2.14
N ALA A 52 1.80 -13.98 1.76
CA ALA A 52 0.91 -13.03 1.12
C ALA A 52 -0.17 -12.70 2.11
N THR A 53 0.05 -11.69 2.95
CA THR A 53 -0.96 -11.41 3.95
C THR A 53 -1.66 -10.15 3.44
N THR A 54 -2.76 -10.38 2.75
CA THR A 54 -3.37 -9.34 1.97
C THR A 54 -4.01 -8.30 2.86
N ALA A 55 -4.53 -8.75 4.01
CA ALA A 55 -5.22 -7.86 4.92
C ALA A 55 -4.28 -6.90 5.62
N ILE A 56 -3.00 -7.26 5.68
CA ILE A 56 -2.01 -6.46 6.40
C ILE A 56 -1.11 -5.68 5.46
N THR A 57 -0.40 -6.38 4.58
CA THR A 57 0.51 -5.69 3.65
C THR A 57 -0.05 -5.48 2.24
N GLY A 58 -1.23 -6.04 1.98
CA GLY A 58 -1.85 -5.93 0.65
C GLY A 58 -1.25 -6.84 -0.41
N ASP A 59 -0.28 -7.66 -0.02
CA ASP A 59 0.35 -8.57 -0.97
C ASP A 59 -0.56 -9.73 -1.33
N THR A 60 -0.46 -10.15 -2.58
CA THR A 60 -1.11 -11.38 -3.06
C THR A 60 -0.03 -12.21 -3.76
N LEU A 61 -0.19 -13.54 -3.76
CA LEU A 61 0.75 -14.37 -4.48
C LEU A 61 0.83 -13.95 -5.93
N GLN A 62 -0.32 -13.67 -6.52
CA GLN A 62 -0.40 -13.33 -7.94
C GLN A 62 0.25 -11.97 -8.25
N GLY A 63 0.01 -10.98 -7.40
CA GLY A 63 0.69 -9.70 -7.52
C GLY A 63 2.20 -9.83 -7.35
N MSE A 64 2.64 -10.55 -6.32
CA MSE A 64 4.07 -10.73 -6.05
C MSE A 64 4.77 -11.39 -7.23
O MSE A 64 5.83 -10.93 -7.66
CB MSE A 64 4.30 -11.57 -4.80
CG MSE A 64 3.76 -10.95 -3.50
SE MSE A 64 3.42 -12.32 -2.12
CE MSE A 64 5.30 -12.40 -1.52
N GLN A 65 4.17 -12.45 -7.76
CA GLN A 65 4.75 -13.16 -8.91
C GLN A 65 4.95 -12.22 -10.11
N TYR A 66 3.90 -11.49 -10.48
CA TYR A 66 4.01 -10.54 -11.58
C TYR A 66 5.09 -9.48 -11.33
N ILE A 67 5.05 -8.88 -10.14
CA ILE A 67 6.01 -7.83 -9.80
C ILE A 67 7.45 -8.34 -9.95
N ILE A 68 7.72 -9.50 -9.37
CA ILE A 68 9.08 -10.03 -9.42
C ILE A 68 9.49 -10.40 -10.85
N ARG A 69 8.62 -11.11 -11.55
CA ARG A 69 8.94 -11.52 -12.92
C ARG A 69 9.07 -10.36 -13.89
N GLU A 70 8.10 -9.44 -13.87
CA GLU A 70 8.04 -8.40 -14.91
C GLU A 70 8.58 -7.02 -14.55
N ILE A 71 8.72 -6.75 -13.26
CA ILE A 71 9.16 -5.43 -12.84
C ILE A 71 10.57 -5.47 -12.24
N PHE A 72 10.75 -6.27 -11.20
CA PHE A 72 12.07 -6.40 -10.58
C PHE A 72 13.07 -7.10 -11.49
N ALA A 73 12.65 -8.15 -12.16
CA ALA A 73 13.60 -9.00 -12.91
C ALA A 73 14.44 -8.22 -13.93
N PRO A 74 13.82 -7.33 -14.72
CA PRO A 74 14.61 -6.58 -15.71
C PRO A 74 15.68 -5.70 -15.08
N VAL A 75 15.46 -5.22 -13.86
CA VAL A 75 16.44 -4.39 -13.19
C VAL A 75 17.55 -5.27 -12.63
N ILE A 76 17.17 -6.45 -12.13
CA ILE A 76 18.11 -7.33 -11.46
C ILE A 76 19.01 -8.14 -12.41
N LEU A 77 18.41 -8.70 -13.45
CA LEU A 77 19.13 -9.56 -14.37
C LEU A 77 20.32 -8.85 -15.02
N GLY A 78 21.48 -9.49 -14.98
CA GLY A 78 22.68 -8.92 -15.57
C GLY A 78 23.44 -8.00 -14.63
N SER A 79 22.86 -7.68 -13.47
CA SER A 79 23.52 -6.78 -12.52
C SER A 79 24.56 -7.50 -11.66
N ASP A 80 25.53 -6.75 -11.16
CA ASP A 80 26.57 -7.30 -10.29
C ASP A 80 25.98 -7.49 -8.90
N LEU A 81 26.28 -8.63 -8.27
CA LEU A 81 25.82 -8.87 -6.90
C LEU A 81 26.31 -7.77 -5.96
N SER A 82 27.55 -7.30 -6.15
CA SER A 82 28.13 -6.29 -5.25
C SER A 82 27.38 -4.96 -5.28
N ASP A 83 26.62 -4.71 -6.34
CA ASP A 83 25.82 -3.49 -6.46
C ASP A 83 24.44 -3.62 -5.82
N TYR A 84 24.22 -4.67 -5.04
CA TYR A 84 22.86 -5.00 -4.57
C TYR A 84 22.08 -3.82 -3.96
N LYS A 85 22.73 -2.97 -3.18
CA LYS A 85 22.01 -1.87 -2.56
C LYS A 85 21.43 -0.94 -3.61
N GLN A 86 22.23 -0.64 -4.63
CA GLN A 86 21.77 0.20 -5.73
C GLN A 86 20.71 -0.50 -6.57
N THR A 87 20.93 -1.77 -6.87
CA THR A 87 19.99 -2.53 -7.68
C THR A 87 18.63 -2.58 -6.97
N LEU A 88 18.65 -2.82 -5.67
CA LEU A 88 17.38 -2.95 -4.95
C LEU A 88 16.66 -1.61 -4.89
N GLU A 89 17.43 -0.53 -4.70
CA GLU A 89 16.81 0.79 -4.68
C GLU A 89 16.15 1.09 -6.02
N LEU A 90 16.85 0.79 -7.11
CA LEU A 90 16.31 0.99 -8.44
C LEU A 90 15.06 0.14 -8.68
N ALA A 91 15.10 -1.13 -8.26
CA ALA A 91 13.96 -2.00 -8.48
C ALA A 91 12.75 -1.60 -7.64
N PHE A 92 12.97 -1.33 -6.36
CA PHE A 92 11.86 -1.07 -5.44
C PHE A 92 11.16 0.25 -5.71
N LYS A 93 11.88 1.22 -6.28
CA LYS A 93 11.25 2.50 -6.59
C LYS A 93 10.21 2.36 -7.69
N LYS A 94 10.22 1.24 -8.40
CA LYS A 94 9.22 1.02 -9.45
C LYS A 94 7.88 0.47 -8.92
N VAL A 95 7.81 0.21 -7.63
CA VAL A 95 6.62 -0.43 -7.05
C VAL A 95 6.23 0.22 -5.73
N MSE A 96 5.02 0.74 -5.64
CA MSE A 96 4.53 1.27 -4.37
C MSE A 96 3.93 0.10 -3.59
O MSE A 96 3.34 -0.80 -4.19
CB MSE A 96 3.50 2.38 -4.62
CG MSE A 96 2.98 3.05 -3.39
SE MSE A 96 4.35 4.16 -2.53
CE MSE A 96 5.47 4.50 -3.94
N PHE A 97 4.10 0.09 -2.27
CA PHE A 97 3.60 -0.98 -1.40
C PHE A 97 4.16 -2.37 -1.81
N ASN A 98 3.33 -3.41 -1.73
CA ASN A 98 3.82 -4.77 -2.01
C ASN A 98 5.10 -5.10 -1.27
N SER A 99 5.14 -4.77 0.01
CA SER A 99 6.35 -4.97 0.80
C SER A 99 6.75 -6.45 0.87
N ALA A 100 5.78 -7.36 0.84
CA ALA A 100 6.15 -8.78 0.91
C ALA A 100 6.90 -9.24 -0.34
N ALA A 101 6.51 -8.73 -1.50
CA ALA A 101 7.25 -9.03 -2.72
C ALA A 101 8.70 -8.55 -2.59
N LYS A 102 8.89 -7.38 -1.99
CA LYS A 102 10.23 -6.84 -1.81
C LYS A 102 11.03 -7.69 -0.81
N MSE A 103 10.35 -8.13 0.24
CA MSE A 103 10.96 -9.01 1.22
C MSE A 103 11.59 -10.24 0.54
O MSE A 103 12.73 -10.60 0.85
CB MSE A 103 9.95 -9.46 2.26
CG MSE A 103 10.52 -10.52 3.25
SE MSE A 103 9.13 -11.23 4.42
CE MSE A 103 10.14 -12.67 5.31
N ALA A 104 10.83 -10.90 -0.33
CA ALA A 104 11.31 -12.12 -0.98
C ALA A 104 12.63 -11.87 -1.72
N ILE A 105 12.68 -10.75 -2.43
CA ILE A 105 13.85 -10.40 -3.23
C ILE A 105 15.06 -10.05 -2.36
N ASP A 106 14.82 -9.25 -1.33
CA ASP A 106 15.87 -8.83 -0.40
C ASP A 106 16.49 -10.04 0.33
N LEU A 107 15.64 -10.95 0.78
CA LEU A 107 16.12 -12.18 1.41
C LEU A 107 16.98 -13.02 0.46
N ALA A 108 16.54 -13.17 -0.79
CA ALA A 108 17.31 -13.97 -1.73
C ALA A 108 18.68 -13.35 -1.95
N TYR A 109 18.75 -12.02 -2.02
CA TYR A 109 20.03 -11.32 -2.13
C TYR A 109 20.94 -11.58 -0.93
N HIS A 110 20.38 -11.55 0.28
CA HIS A 110 21.20 -11.79 1.47
C HIS A 110 21.70 -13.24 1.48
N ASP A 111 20.85 -14.15 1.03
CA ASP A 111 21.24 -15.56 0.92
C ASP A 111 22.46 -15.67 -0.01
N LEU A 112 22.41 -14.99 -1.15
CA LEU A 112 23.56 -14.94 -2.08
C LEU A 112 24.83 -14.36 -1.46
N LEU A 113 24.68 -13.21 -0.82
CA LEU A 113 25.83 -12.54 -0.20
C LEU A 113 26.53 -13.45 0.80
N ALA A 114 25.74 -14.13 1.63
CA ALA A 114 26.28 -15.01 2.66
C ALA A 114 26.95 -16.23 2.03
N LYS A 115 26.27 -16.83 1.06
CA LYS A 115 26.82 -18.01 0.39
C LYS A 115 28.13 -17.71 -0.34
N GLU A 116 28.25 -16.49 -0.89
CA GLU A 116 29.48 -16.07 -1.55
C GLU A 116 30.65 -16.00 -0.59
N GLN A 117 30.36 -15.79 0.70
CA GLN A 117 31.37 -15.79 1.73
C GLN A 117 31.44 -17.10 2.51
N ASP A 118 30.63 -18.08 2.10
CA ASP A 118 30.61 -19.37 2.77
C ASP A 118 30.24 -19.29 4.24
N ILE A 119 29.30 -18.41 4.58
CA ILE A 119 28.82 -18.23 5.95
C ILE A 119 27.30 -18.23 5.98
N SER A 120 26.72 -18.25 7.17
CA SER A 120 25.27 -18.08 7.31
C SER A 120 24.88 -16.62 7.13
N VAL A 121 23.60 -16.37 6.84
CA VAL A 121 23.11 -15.00 6.78
C VAL A 121 23.24 -14.31 8.14
N ALA A 122 22.87 -15.02 9.21
CA ALA A 122 23.08 -14.49 10.56
C ALA A 122 24.53 -13.99 10.75
N LYS A 123 25.49 -14.81 10.37
CA LYS A 123 26.90 -14.43 10.49
C LYS A 123 27.22 -13.23 9.58
N LEU A 124 26.77 -13.28 8.32
CA LEU A 124 26.94 -12.14 7.42
C LEU A 124 26.47 -10.84 8.07
N LEU A 125 25.33 -10.91 8.75
CA LEU A 125 24.72 -9.71 9.32
C LEU A 125 25.41 -9.27 10.62
N GLY A 126 26.32 -10.09 11.12
CA GLY A 126 27.07 -9.74 12.33
C GLY A 126 26.62 -10.43 13.59
N ALA A 127 25.70 -11.40 13.48
CA ALA A 127 25.27 -12.13 14.67
C ALA A 127 26.35 -13.10 15.14
N LYS A 128 26.46 -13.24 16.45
CA LYS A 128 27.29 -14.24 17.09
C LYS A 128 26.44 -15.28 17.84
N ALA A 129 25.54 -14.81 18.68
CA ALA A 129 24.57 -15.71 19.34
C ALA A 129 23.64 -16.41 18.33
N ASN A 130 23.23 -17.63 18.67
CA ASN A 130 22.36 -18.46 17.84
C ASN A 130 20.91 -18.67 18.28
N SER A 131 20.49 -18.01 19.36
CA SER A 131 19.25 -18.40 20.02
C SER A 131 18.40 -17.21 20.45
N ILE A 132 17.10 -17.31 20.24
CA ILE A 132 16.20 -16.23 20.62
C ILE A 132 14.92 -16.79 21.20
N VAL A 133 14.41 -16.12 22.23
CA VAL A 133 13.21 -16.58 22.91
C VAL A 133 11.98 -15.98 22.26
N THR A 134 10.97 -16.79 21.99
CA THR A 134 9.70 -16.28 21.50
C THR A 134 8.59 -16.43 22.53
N ASP A 135 7.60 -15.54 22.48
CA ASP A 135 6.38 -15.76 23.24
C ASP A 135 5.54 -16.81 22.51
N VAL A 136 4.40 -17.16 23.09
CA VAL A 136 3.42 -17.95 22.37
C VAL A 136 2.20 -17.05 22.16
N SER A 137 1.56 -17.16 20.99
CA SER A 137 0.47 -16.27 20.63
C SER A 137 -0.90 -16.88 20.93
N ILE A 138 -1.75 -16.15 21.65
CA ILE A 138 -3.08 -16.65 21.99
C ILE A 138 -4.19 -15.89 21.23
N SER A 139 -4.94 -16.63 20.42
CA SER A 139 -6.01 -16.02 19.62
C SER A 139 -7.14 -15.49 20.51
N CYS A 140 -7.96 -14.61 19.95
CA CYS A 140 -9.09 -14.05 20.69
C CYS A 140 -10.08 -15.18 20.99
N GLY A 141 -10.79 -15.04 22.11
CA GLY A 141 -11.79 -16.03 22.49
C GLY A 141 -12.49 -15.60 23.77
N ASN A 142 -13.43 -16.42 24.23
CA ASN A 142 -14.06 -16.17 25.52
C ASN A 142 -13.04 -16.35 26.63
N VAL A 143 -13.29 -15.76 27.78
CA VAL A 143 -12.32 -15.80 28.87
C VAL A 143 -11.88 -17.22 29.20
N ALA A 144 -12.85 -18.11 29.42
CA ALA A 144 -12.53 -19.48 29.82
C ALA A 144 -11.54 -20.16 28.88
N GLU A 145 -11.87 -20.21 27.59
CA GLU A 145 -11.02 -20.89 26.61
C GLU A 145 -9.66 -20.20 26.47
N THR A 146 -9.64 -18.89 26.70
CA THR A 146 -8.40 -18.12 26.63
C THR A 146 -7.48 -18.48 27.79
N ILE A 147 -8.05 -18.56 28.99
CA ILE A 147 -7.30 -18.99 30.17
C ILE A 147 -6.71 -20.38 29.94
N GLN A 148 -7.49 -21.26 29.33
CA GLN A 148 -7.04 -22.61 29.03
C GLN A 148 -5.90 -22.61 28.01
N ASN A 149 -6.05 -21.80 26.96
CA ASN A 149 -5.02 -21.70 25.93
C ASN A 149 -3.70 -21.25 26.50
N ILE A 150 -3.75 -20.28 27.41
CA ILE A 150 -2.58 -19.76 28.07
C ILE A 150 -1.93 -20.82 28.95
N GLN A 151 -2.77 -21.56 29.67
CA GLN A 151 -2.29 -22.65 30.52
C GLN A 151 -1.57 -23.71 29.69
N ASN A 152 -2.12 -24.03 28.52
CA ASN A 152 -1.45 -24.93 27.59
C ASN A 152 -0.09 -24.38 27.18
N GLY A 153 -0.01 -23.06 27.05
CA GLY A 153 1.22 -22.40 26.67
C GLY A 153 2.26 -22.48 27.77
N VAL A 154 1.82 -22.26 29.00
CA VAL A 154 2.73 -22.33 30.15
C VAL A 154 3.22 -23.76 30.34
N GLU A 155 2.31 -24.71 30.18
CA GLU A 155 2.65 -26.13 30.30
C GLU A 155 3.62 -26.55 29.20
N ALA A 156 3.63 -25.78 28.12
CA ALA A 156 4.52 -26.05 26.99
C ALA A 156 5.86 -25.34 27.17
N ASN A 157 6.05 -24.71 28.33
CA ASN A 157 7.31 -24.05 28.68
C ASN A 157 7.48 -22.58 28.28
N PHE A 158 6.48 -21.99 27.62
CA PHE A 158 6.53 -20.57 27.32
C PHE A 158 6.32 -19.76 28.59
N THR A 159 7.19 -18.79 28.86
CA THR A 159 6.90 -17.82 29.92
C THR A 159 6.47 -16.42 29.47
N ALA A 160 6.50 -16.18 28.16
CA ALA A 160 6.00 -14.91 27.63
C ALA A 160 4.79 -15.22 26.78
N ILE A 161 3.68 -14.55 27.06
CA ILE A 161 2.42 -14.86 26.43
C ILE A 161 1.91 -13.65 25.67
N LYS A 162 1.75 -13.79 24.36
CA LYS A 162 1.13 -12.72 23.60
C LYS A 162 -0.37 -12.95 23.55
N VAL A 163 -1.13 -12.05 24.15
CA VAL A 163 -2.56 -12.19 24.23
C VAL A 163 -3.22 -11.20 23.29
N LYS A 164 -3.88 -11.70 22.25
CA LYS A 164 -4.62 -10.86 21.34
C LYS A 164 -5.86 -10.30 22.01
N THR A 165 -6.08 -9.00 21.86
CA THR A 165 -7.26 -8.33 22.40
C THR A 165 -7.86 -7.49 21.28
N GLY A 166 -8.85 -6.65 21.65
CA GLY A 166 -9.36 -5.65 20.74
C GLY A 166 -10.60 -6.05 19.98
N ALA A 167 -10.97 -7.32 20.03
CA ALA A 167 -12.21 -7.75 19.39
C ALA A 167 -13.44 -7.44 20.25
N ASP A 168 -13.35 -7.80 21.52
CA ASP A 168 -14.44 -7.59 22.45
C ASP A 168 -13.85 -6.90 23.67
N PHE A 169 -14.16 -5.61 23.86
CA PHE A 169 -13.50 -4.85 24.91
C PHE A 169 -13.91 -5.32 26.31
N ASN A 170 -15.17 -5.69 26.45
CA ASN A 170 -15.65 -6.18 27.74
C ASN A 170 -14.93 -7.48 28.11
N ARG A 171 -14.83 -8.38 27.13
CA ARG A 171 -14.03 -9.59 27.30
C ARG A 171 -12.58 -9.28 27.70
N ASP A 172 -11.94 -8.34 27.01
CA ASP A 172 -10.56 -7.96 27.33
C ASP A 172 -10.44 -7.49 28.78
N ILE A 173 -11.42 -6.73 29.23
CA ILE A 173 -11.41 -6.20 30.60
C ILE A 173 -11.54 -7.30 31.64
N GLN A 174 -12.50 -8.21 31.43
CA GLN A 174 -12.72 -9.30 32.36
C GLN A 174 -11.56 -10.28 32.39
N LEU A 175 -10.90 -10.43 31.24
CA LEU A 175 -9.75 -11.32 31.14
C LEU A 175 -8.71 -10.96 32.19
N LEU A 176 -8.53 -9.67 32.43
CA LEU A 176 -7.50 -9.22 33.37
C LEU A 176 -7.72 -9.77 34.77
N LYS A 177 -8.98 -9.81 35.21
CA LYS A 177 -9.27 -10.35 36.53
C LYS A 177 -8.92 -11.82 36.55
N ALA A 178 -9.32 -12.53 35.50
CA ALA A 178 -9.07 -13.97 35.41
C ALA A 178 -7.57 -14.27 35.31
N LEU A 179 -6.83 -13.44 34.60
CA LEU A 179 -5.37 -13.61 34.53
C LEU A 179 -4.75 -13.45 35.92
N ASP A 180 -5.09 -12.35 36.58
CA ASP A 180 -4.54 -12.03 37.90
C ASP A 180 -4.78 -13.19 38.86
N ASN A 181 -5.91 -13.87 38.66
CA ASN A 181 -6.28 -14.99 39.52
C ASN A 181 -5.63 -16.35 39.18
N GLU A 182 -5.31 -16.58 37.91
CA GLU A 182 -4.69 -17.86 37.53
C GLU A 182 -3.16 -17.86 37.33
N PHE A 183 -2.53 -16.69 37.38
CA PHE A 183 -1.10 -16.62 37.02
C PHE A 183 -0.28 -15.70 37.92
N SER A 184 0.99 -16.06 38.09
CA SER A 184 1.91 -15.29 38.90
C SER A 184 2.84 -14.43 38.04
N LYS A 185 3.70 -13.67 38.69
CA LYS A 185 4.57 -12.71 37.99
C LYS A 185 5.66 -13.37 37.16
N ASN A 186 5.82 -14.68 37.28
CA ASN A 186 6.81 -15.37 36.44
C ASN A 186 6.31 -15.49 34.99
N ILE A 187 5.01 -15.27 34.80
CA ILE A 187 4.44 -15.21 33.45
C ILE A 187 4.38 -13.76 32.99
N LYS A 188 4.93 -13.52 31.80
CA LYS A 188 5.02 -12.18 31.23
C LYS A 188 3.98 -12.01 30.13
N PHE A 189 3.15 -10.96 30.24
CA PHE A 189 2.08 -10.78 29.26
C PHE A 189 2.36 -9.68 28.24
N ARG A 190 2.05 -9.97 26.99
CA ARG A 190 2.15 -8.98 25.94
C ARG A 190 0.79 -8.87 25.24
N PHE A 191 0.14 -7.72 25.35
CA PHE A 191 -1.17 -7.55 24.73
C PHE A 191 -1.05 -6.91 23.36
N ASP A 192 -1.81 -7.42 22.41
CA ASP A 192 -1.87 -6.80 21.09
C ASP A 192 -3.33 -6.66 20.71
N ALA A 193 -3.80 -5.41 20.70
CA ALA A 193 -5.19 -5.15 20.40
C ALA A 193 -5.41 -5.08 18.89
N ASN A 194 -4.30 -5.05 18.15
CA ASN A 194 -4.34 -4.81 16.70
C ASN A 194 -5.40 -3.79 16.31
N GLN A 195 -5.25 -2.57 16.82
CA GLN A 195 -6.05 -1.45 16.35
C GLN A 195 -7.50 -1.45 16.85
N GLY A 196 -7.88 -2.45 17.65
CA GLY A 196 -9.27 -2.65 18.03
C GLY A 196 -9.86 -1.75 19.10
N TRP A 197 -9.03 -0.96 19.78
CA TRP A 197 -9.50 -0.08 20.87
C TRP A 197 -9.49 1.37 20.44
N ASN A 198 -10.34 2.17 21.08
CA ASN A 198 -10.23 3.62 20.98
C ASN A 198 -9.37 4.18 22.11
N LEU A 199 -9.16 5.49 22.11
CA LEU A 199 -8.29 6.12 23.09
C LEU A 199 -8.74 5.87 24.53
N ALA A 200 -10.04 6.10 24.78
CA ALA A 200 -10.60 5.94 26.12
C ALA A 200 -10.48 4.50 26.59
N GLN A 201 -10.85 3.56 25.72
CA GLN A 201 -10.74 2.14 26.04
C GLN A 201 -9.31 1.75 26.39
N THR A 202 -8.34 2.25 25.63
CA THR A 202 -6.94 1.92 25.89
C THR A 202 -6.54 2.37 27.30
N LYS A 203 -6.80 3.64 27.61
CA LYS A 203 -6.50 4.19 28.92
C LYS A 203 -7.14 3.34 30.02
N GLN A 204 -8.39 2.94 29.79
CA GLN A 204 -9.13 2.16 30.76
C GLN A 204 -8.48 0.79 30.98
N PHE A 205 -8.11 0.14 29.88
CA PHE A 205 -7.47 -1.17 29.94
C PHE A 205 -6.18 -1.11 30.74
N ILE A 206 -5.41 -0.04 30.53
CA ILE A 206 -4.17 0.15 31.27
C ILE A 206 -4.48 0.35 32.75
N GLU A 207 -5.43 1.25 33.04
CA GLU A 207 -5.85 1.46 34.42
C GLU A 207 -6.27 0.14 35.06
N GLU A 208 -7.07 -0.65 34.35
CA GLU A 208 -7.48 -1.95 34.86
C GLU A 208 -6.29 -2.86 35.18
N ILE A 209 -5.29 -2.87 34.30
CA ILE A 209 -4.09 -3.65 34.56
C ILE A 209 -3.52 -3.27 35.92
N ASN A 210 -3.34 -1.98 36.14
CA ASN A 210 -2.71 -1.46 37.34
C ASN A 210 -3.49 -1.75 38.62
N LYS A 211 -4.75 -2.14 38.48
CA LYS A 211 -5.57 -2.53 39.62
C LYS A 211 -5.18 -3.91 40.14
N TYR A 212 -4.47 -4.67 39.32
CA TYR A 212 -4.12 -6.05 39.66
C TYR A 212 -2.62 -6.20 39.90
N SER A 213 -2.18 -7.42 40.14
CA SER A 213 -0.76 -7.70 40.18
C SER A 213 -0.45 -8.62 39.00
N LEU A 214 0.14 -8.02 37.97
CA LEU A 214 0.37 -8.72 36.71
C LEU A 214 1.70 -8.27 36.16
N ASN A 215 2.37 -9.18 35.47
CA ASN A 215 3.60 -8.80 34.82
C ASN A 215 3.26 -8.56 33.36
N VAL A 216 3.20 -7.30 32.96
CA VAL A 216 2.79 -6.95 31.60
C VAL A 216 3.89 -6.16 30.93
N GLU A 217 4.51 -6.77 29.94
CA GLU A 217 5.68 -6.20 29.30
C GLU A 217 5.35 -5.10 28.27
N ILE A 218 4.27 -5.29 27.52
CA ILE A 218 3.96 -4.35 26.45
C ILE A 218 2.47 -4.22 26.14
N ILE A 219 2.08 -3.04 25.66
CA ILE A 219 0.76 -2.85 25.06
C ILE A 219 1.02 -2.55 23.58
N GLU A 220 0.55 -3.43 22.70
CA GLU A 220 0.90 -3.30 21.28
C GLU A 220 -0.25 -2.76 20.42
N GLN A 221 0.07 -1.77 19.58
CA GLN A 221 -0.86 -1.18 18.61
C GLN A 221 -2.32 -1.11 19.08
N PRO A 222 -2.55 -0.34 20.15
CA PRO A 222 -3.91 -0.30 20.71
C PRO A 222 -4.94 0.36 19.77
N VAL A 223 -4.51 1.33 18.97
CA VAL A 223 -5.43 2.09 18.12
C VAL A 223 -5.07 1.98 16.63
N LYS A 224 -5.86 2.62 15.77
CA LYS A 224 -5.65 2.57 14.33
C LYS A 224 -4.22 2.94 13.96
N TYR A 225 -3.68 2.25 12.94
CA TYR A 225 -2.33 2.47 12.46
C TYR A 225 -2.05 3.94 12.13
N TYR A 226 -3.07 4.68 11.71
CA TYR A 226 -2.86 6.06 11.29
C TYR A 226 -3.14 7.08 12.40
N ASP A 227 -3.55 6.63 13.59
CA ASP A 227 -3.85 7.64 14.57
C ASP A 227 -2.63 7.74 15.45
N ILE A 228 -1.73 8.61 15.00
CA ILE A 228 -0.43 8.77 15.60
C ILE A 228 -0.56 9.69 16.82
N LYS A 229 -1.50 10.62 16.74
CA LYS A 229 -1.83 11.47 17.89
C LYS A 229 -2.32 10.66 19.09
N ALA A 230 -3.27 9.76 18.88
CA ALA A 230 -3.70 8.86 19.94
C ALA A 230 -2.54 7.99 20.45
N MSE A 231 -1.69 7.52 19.55
CA MSE A 231 -0.55 6.70 19.96
C MSE A 231 0.40 7.48 20.88
O MSE A 231 0.88 6.97 21.89
CB MSE A 231 0.20 6.15 18.74
CG MSE A 231 -0.53 4.98 18.04
SE MSE A 231 -0.53 3.28 19.05
CE MSE A 231 1.36 2.82 18.79
N ALA A 232 0.65 8.74 20.51
CA ALA A 232 1.51 9.61 21.31
C ALA A 232 0.89 9.85 22.68
N GLU A 233 -0.42 10.04 22.69
CA GLU A 233 -1.13 10.33 23.93
C GLU A 233 -1.12 9.12 24.84
N ILE A 234 -1.35 7.93 24.25
CA ILE A 234 -1.29 6.68 25.01
C ILE A 234 0.11 6.38 25.53
N THR A 235 1.12 6.67 24.71
CA THR A 235 2.50 6.44 25.12
C THR A 235 2.83 7.30 26.35
N LYS A 236 2.41 8.56 26.32
CA LYS A 236 2.64 9.47 27.43
C LYS A 236 1.88 9.02 28.67
N PHE A 237 0.60 8.71 28.49
CA PHE A 237 -0.24 8.24 29.57
C PHE A 237 0.25 6.96 30.24
N SER A 238 0.78 6.04 29.43
CA SER A 238 1.03 4.67 29.88
C SER A 238 2.28 4.51 30.74
N ASN A 239 2.17 3.65 31.75
CA ASN A 239 3.33 3.24 32.55
C ASN A 239 3.89 1.93 32.01
N ILE A 240 3.28 1.43 30.95
CA ILE A 240 3.71 0.20 30.30
C ILE A 240 4.17 0.52 28.88
N PRO A 241 5.26 -0.10 28.43
CA PRO A 241 5.79 0.23 27.11
C PRO A 241 4.75 0.04 26.00
N VAL A 242 4.65 1.03 25.12
CA VAL A 242 3.69 0.97 24.03
C VAL A 242 4.42 0.62 22.73
N VAL A 243 3.90 -0.38 22.02
CA VAL A 243 4.55 -0.86 20.80
C VAL A 243 3.80 -0.44 19.54
N ALA A 244 4.52 0.16 18.60
CA ALA A 244 3.96 0.42 17.30
C ALA A 244 4.23 -0.78 16.39
N ASP A 245 3.16 -1.36 15.84
CA ASP A 245 3.33 -2.44 14.87
C ASP A 245 2.81 -1.98 13.50
N GLU A 246 1.49 -1.99 13.30
CA GLU A 246 0.97 -1.59 11.98
C GLU A 246 1.25 -0.11 11.68
N SER A 247 1.53 0.69 12.72
CA SER A 247 1.91 2.10 12.53
C SER A 247 3.27 2.24 11.89
N VAL A 248 4.09 1.18 11.95
CA VAL A 248 5.42 1.25 11.35
C VAL A 248 5.73 0.07 10.42
N PHE A 249 5.78 0.35 9.11
CA PHE A 249 6.28 -0.58 8.10
C PHE A 249 7.76 -0.32 7.84
N ASP A 250 8.06 0.92 7.44
CA ASP A 250 9.36 1.27 6.91
C ASP A 250 10.07 2.36 7.71
N ALA A 251 11.24 2.78 7.21
CA ALA A 251 12.04 3.78 7.92
C ALA A 251 11.33 5.13 8.05
N LYS A 252 10.64 5.57 7.00
CA LYS A 252 9.93 6.85 7.08
C LYS A 252 8.76 6.77 8.08
N ASP A 253 8.14 5.60 8.23
CA ASP A 253 7.13 5.43 9.29
C ASP A 253 7.77 5.55 10.66
N ALA A 254 8.95 4.93 10.81
CA ALA A 254 9.71 5.01 12.03
C ALA A 254 10.06 6.47 12.39
N GLU A 255 10.52 7.22 11.40
CA GLU A 255 10.81 8.65 11.60
C GLU A 255 9.60 9.39 12.15
N ARG A 256 8.42 9.10 11.60
CA ARG A 256 7.21 9.75 12.08
C ARG A 256 6.87 9.41 13.54
N VAL A 257 6.90 8.13 13.91
CA VAL A 257 6.56 7.80 15.30
C VAL A 257 7.63 8.30 16.29
N ILE A 258 8.87 8.37 15.86
CA ILE A 258 9.93 8.93 16.69
C ILE A 258 9.67 10.43 16.90
N ASP A 259 9.46 11.15 15.80
CA ASP A 259 9.20 12.59 15.84
C ASP A 259 7.99 12.94 16.69
N GLU A 260 6.94 12.14 16.60
CA GLU A 260 5.71 12.43 17.32
C GLU A 260 5.65 11.72 18.68
N GLN A 261 6.75 11.04 19.03
CA GLN A 261 6.83 10.29 20.28
C GLN A 261 5.65 9.34 20.48
N ALA A 262 5.32 8.58 19.43
CA ALA A 262 4.11 7.80 19.41
C ALA A 262 4.25 6.33 19.87
N CYS A 263 5.45 5.95 20.32
CA CYS A 263 5.65 4.62 20.90
C CYS A 263 6.92 4.57 21.73
N ASN A 264 7.04 3.57 22.60
CA ASN A 264 8.33 3.27 23.23
C ASN A 264 9.18 2.24 22.51
N MSE A 265 8.53 1.45 21.66
CA MSE A 265 9.18 0.31 21.04
C MSE A 265 8.54 0.06 19.66
O MSE A 265 7.35 0.30 19.50
CB MSE A 265 9.01 -0.93 21.93
CG MSE A 265 9.50 -2.24 21.31
SE MSE A 265 9.26 -3.79 22.49
CE MSE A 265 11.13 -4.09 22.90
N ILE A 266 9.34 -0.37 18.70
CA ILE A 266 8.82 -0.66 17.35
C ILE A 266 8.84 -2.17 17.08
N ASN A 267 7.74 -2.70 16.56
CA ASN A 267 7.71 -4.11 16.21
C ASN A 267 8.10 -4.23 14.72
N ILE A 268 9.32 -4.69 14.48
CA ILE A 268 9.82 -4.85 13.13
C ILE A 268 9.37 -6.20 12.56
N LYS A 269 8.76 -6.18 11.39
CA LYS A 269 8.45 -7.41 10.66
C LYS A 269 8.97 -7.27 9.24
N LEU A 270 9.73 -8.27 8.78
CA LEU A 270 10.33 -8.21 7.46
C LEU A 270 9.26 -8.11 6.35
N ALA A 271 8.10 -8.69 6.56
CA ALA A 271 7.04 -8.60 5.55
C ALA A 271 6.49 -7.17 5.41
N LYS A 272 6.59 -6.38 6.47
CA LYS A 272 6.26 -4.94 6.40
C LYS A 272 7.40 -4.09 5.83
N THR A 273 8.64 -4.43 6.20
CA THR A 273 9.79 -3.60 5.85
C THR A 273 10.20 -3.82 4.40
N GLY A 274 9.79 -4.94 3.82
CA GLY A 274 10.30 -5.31 2.50
C GLY A 274 11.71 -5.85 2.62
N GLY A 275 12.00 -6.50 3.75
CA GLY A 275 13.26 -7.20 3.92
C GLY A 275 14.28 -6.57 4.86
N ILE A 276 15.49 -7.13 4.84
CA ILE A 276 16.52 -6.83 5.83
C ILE A 276 17.10 -5.43 5.68
N LEU A 277 17.36 -4.97 4.46
CA LEU A 277 17.97 -3.64 4.32
C LEU A 277 17.14 -2.56 4.99
N GLU A 278 15.84 -2.59 4.75
CA GLU A 278 14.96 -1.56 5.31
C GLU A 278 14.81 -1.74 6.83
N ALA A 279 14.73 -2.99 7.28
CA ALA A 279 14.67 -3.29 8.70
C ALA A 279 15.91 -2.75 9.45
N GLN A 280 17.08 -2.89 8.85
CA GLN A 280 18.30 -2.30 9.41
C GLN A 280 18.21 -0.76 9.54
N LYS A 281 17.59 -0.11 8.55
CA LYS A 281 17.42 1.34 8.60
C LYS A 281 16.52 1.76 9.76
N ILE A 282 15.45 1.00 9.99
CA ILE A 282 14.60 1.26 11.13
C ILE A 282 15.34 1.12 12.46
N LYS A 283 16.09 0.02 12.60
CA LYS A 283 16.79 -0.26 13.86
C LYS A 283 17.78 0.88 14.17
N LYS A 284 18.47 1.36 13.14
CA LYS A 284 19.41 2.47 13.29
C LYS A 284 18.71 3.75 13.76
N LEU A 285 17.59 4.12 13.13
CA LEU A 285 16.79 5.26 13.55
C LEU A 285 16.30 5.12 14.98
N ALA A 286 15.79 3.94 15.30
CA ALA A 286 15.27 3.68 16.65
C ALA A 286 16.40 3.81 17.69
N ASP A 287 17.53 3.15 17.43
CA ASP A 287 18.67 3.24 18.33
C ASP A 287 19.01 4.71 18.65
N SER A 288 19.12 5.53 17.61
CA SER A 288 19.46 6.95 17.80
C SER A 288 18.44 7.69 18.64
N ALA A 289 17.19 7.25 18.59
CA ALA A 289 16.10 7.91 19.29
C ALA A 289 15.86 7.36 20.69
N GLY A 290 16.61 6.34 21.08
CA GLY A 290 16.36 5.67 22.35
C GLY A 290 15.05 4.88 22.36
N ILE A 291 14.62 4.45 21.18
CA ILE A 291 13.43 3.62 21.02
C ILE A 291 13.90 2.18 20.86
N SER A 292 13.31 1.27 21.63
CA SER A 292 13.64 -0.16 21.52
C SER A 292 12.96 -0.83 20.31
N CYS A 293 13.47 -1.97 19.89
CA CYS A 293 12.81 -2.76 18.83
C CYS A 293 12.57 -4.20 19.27
N MSE A 294 11.46 -4.76 18.84
CA MSE A 294 11.26 -6.20 18.92
C MSE A 294 11.09 -6.72 17.49
O MSE A 294 11.01 -5.94 16.54
CB MSE A 294 9.99 -6.50 19.72
CG MSE A 294 8.70 -5.92 19.11
SE MSE A 294 7.09 -6.49 20.09
CE MSE A 294 7.03 -8.38 19.57
N VAL A 295 10.98 -8.04 17.33
CA VAL A 295 10.61 -8.60 16.02
C VAL A 295 9.36 -9.46 16.12
N GLY A 296 8.66 -9.56 15.01
CA GLY A 296 7.39 -10.24 14.92
C GLY A 296 7.34 -10.81 13.51
N CYS A 297 6.21 -11.37 13.13
CA CYS A 297 6.08 -11.97 11.81
C CYS A 297 4.60 -12.04 11.45
N MSE A 298 4.31 -12.50 10.24
CA MSE A 298 2.94 -12.86 9.86
C MSE A 298 2.82 -14.34 10.17
O MSE A 298 3.78 -14.95 10.68
CB MSE A 298 2.72 -12.62 8.37
CG MSE A 298 3.08 -11.20 7.93
SE MSE A 298 2.03 -9.83 8.91
CE MSE A 298 3.14 -8.23 8.46
N MSE A 299 1.68 -14.95 9.87
CA MSE A 299 1.64 -16.41 10.00
C MSE A 299 2.37 -16.81 8.75
O MSE A 299 1.82 -16.81 7.67
CB MSE A 299 0.18 -16.90 9.95
CG MSE A 299 0.01 -18.43 9.91
SE MSE A 299 0.90 -19.30 11.46
CE MSE A 299 -0.33 -18.75 12.84
N GLU A 300 3.60 -17.28 8.90
CA GLU A 300 4.42 -17.45 7.71
C GLU A 300 5.37 -18.62 7.83
N SER A 301 6.08 -18.92 6.76
CA SER A 301 6.86 -20.14 6.74
C SER A 301 8.06 -20.03 7.67
N PRO A 302 8.59 -21.19 8.08
CA PRO A 302 9.78 -21.25 8.94
C PRO A 302 10.96 -20.52 8.30
N ALA A 303 11.00 -20.46 6.97
CA ALA A 303 12.07 -19.72 6.29
C ALA A 303 12.02 -18.23 6.65
N GLY A 304 10.81 -17.67 6.68
CA GLY A 304 10.65 -16.28 7.10
C GLY A 304 11.06 -16.10 8.56
N ILE A 305 10.69 -17.07 9.40
CA ILE A 305 11.08 -17.03 10.80
C ILE A 305 12.60 -17.03 10.93
N LEU A 306 13.25 -17.91 10.17
CA LEU A 306 14.70 -17.99 10.22
C LEU A 306 15.33 -16.67 9.82
N ALA A 307 14.82 -16.04 8.76
CA ALA A 307 15.37 -14.77 8.33
C ALA A 307 15.21 -13.70 9.40
N THR A 308 14.04 -13.70 10.04
CA THR A 308 13.76 -12.74 11.08
C THR A 308 14.63 -12.96 12.30
N ALA A 309 14.76 -14.22 12.74
CA ALA A 309 15.66 -14.54 13.86
C ALA A 309 17.10 -14.15 13.55
N SER A 310 17.54 -14.35 12.30
CA SER A 310 18.91 -14.00 11.89
C SER A 310 19.11 -12.50 12.03
N PHE A 311 18.14 -11.72 11.56
CA PHE A 311 18.19 -10.27 11.69
C PHE A 311 18.22 -9.85 13.16
N ALA A 312 17.33 -10.42 13.97
CA ALA A 312 17.23 -10.04 15.38
C ALA A 312 18.53 -10.34 16.13
N LEU A 313 19.11 -11.52 15.87
CA LEU A 313 20.36 -11.87 16.53
C LEU A 313 21.48 -10.91 16.15
N ALA A 314 21.49 -10.44 14.90
CA ALA A 314 22.52 -9.50 14.45
C ALA A 314 22.35 -8.11 15.05
N GLU A 315 21.12 -7.75 15.36
CA GLU A 315 20.77 -6.42 15.85
C GLU A 315 20.60 -6.31 17.36
N ASP A 316 20.89 -7.37 18.09
CA ASP A 316 20.71 -7.38 19.53
C ASP A 316 19.25 -7.12 19.93
N ILE A 317 18.33 -7.71 19.18
CA ILE A 317 16.93 -7.67 19.53
C ILE A 317 16.55 -8.97 20.22
N THR A 318 16.19 -8.90 21.50
CA THR A 318 15.83 -10.08 22.26
C THR A 318 14.33 -10.36 22.44
N VAL A 319 13.49 -9.37 22.18
CA VAL A 319 12.05 -9.54 22.34
C VAL A 319 11.46 -9.96 21.00
N ALA A 320 10.81 -11.11 20.97
CA ALA A 320 10.40 -11.72 19.71
C ALA A 320 9.03 -12.37 19.84
N ASP A 321 8.18 -12.16 18.83
CA ASP A 321 6.94 -12.90 18.73
C ASP A 321 7.03 -13.68 17.41
N LEU A 322 7.59 -14.87 17.53
CA LEU A 322 7.97 -15.76 16.44
C LEU A 322 7.29 -17.12 16.37
N ASP A 323 6.15 -17.23 17.02
CA ASP A 323 5.46 -18.52 17.23
C ASP A 323 4.99 -19.43 16.05
N PRO A 324 4.85 -18.90 14.81
CA PRO A 324 4.39 -19.79 13.73
C PRO A 324 5.13 -21.12 13.62
N LEU A 325 6.36 -21.22 14.12
CA LEU A 325 7.03 -22.51 14.15
C LEU A 325 6.18 -23.53 14.90
N ASP A 326 5.38 -23.05 15.85
CA ASP A 326 4.54 -23.92 16.66
C ASP A 326 3.32 -24.41 15.87
N TRP A 327 3.05 -23.79 14.73
CA TRP A 327 1.86 -24.11 13.93
C TRP A 327 2.10 -25.07 12.77
N VAL A 328 3.34 -25.48 12.56
CA VAL A 328 3.67 -26.33 11.42
C VAL A 328 4.50 -27.54 11.86
N ALA A 329 4.60 -28.53 10.98
CA ALA A 329 5.35 -29.75 11.27
C ALA A 329 6.85 -29.50 11.39
N LYS A 330 7.43 -29.98 12.49
CA LYS A 330 8.87 -29.80 12.76
C LYS A 330 9.79 -30.20 11.62
N ASP A 331 9.43 -31.23 10.85
CA ASP A 331 10.28 -31.67 9.75
C ASP A 331 10.41 -30.65 8.62
N LEU A 332 9.58 -29.61 8.65
CA LEU A 332 9.72 -28.54 7.68
C LEU A 332 10.95 -27.70 7.99
N TYR A 333 11.14 -27.37 9.27
CA TYR A 333 12.28 -26.55 9.65
C TYR A 333 13.49 -27.23 10.31
N SER A 334 13.39 -28.52 10.60
CA SER A 334 14.39 -29.18 11.45
C SER A 334 15.79 -29.17 10.86
N ASP A 335 15.90 -28.89 9.57
CA ASP A 335 17.21 -28.78 8.95
C ASP A 335 17.97 -27.52 9.36
N TYR A 336 17.27 -26.40 9.53
CA TYR A 336 17.91 -25.16 10.02
C TYR A 336 17.60 -24.64 11.43
N ILE A 337 16.58 -25.16 12.09
CA ILE A 337 16.18 -24.60 13.37
C ILE A 337 15.82 -25.72 14.33
N THR A 338 16.26 -25.58 15.59
CA THR A 338 15.76 -26.41 16.67
C THR A 338 14.82 -25.55 17.47
N PHE A 339 13.58 -25.99 17.66
CA PHE A 339 12.67 -25.20 18.46
C PHE A 339 12.52 -25.99 19.75
N ASN A 340 13.23 -25.57 20.79
CA ASN A 340 13.02 -26.17 22.11
C ASN A 340 12.34 -25.11 22.91
N GLU A 341 11.03 -25.23 23.04
CA GLU A 341 10.23 -24.11 23.50
C GLU A 341 10.69 -23.62 24.87
N PRO A 342 10.78 -22.29 25.06
CA PRO A 342 10.46 -21.34 24.00
C PRO A 342 11.66 -20.83 23.22
N ASN A 343 12.65 -21.67 22.94
CA ASN A 343 13.87 -21.16 22.32
C ASN A 343 13.92 -21.55 20.86
N ILE A 344 14.15 -20.55 20.01
CA ILE A 344 14.38 -20.79 18.59
C ILE A 344 15.88 -20.77 18.37
N ILE A 345 16.45 -21.90 17.98
CA ILE A 345 17.89 -22.01 17.90
C ILE A 345 18.37 -22.36 16.50
N LEU A 346 19.20 -21.50 15.94
CA LEU A 346 19.75 -21.71 14.60
C LEU A 346 20.77 -22.83 14.65
N LYS A 347 20.71 -23.72 13.67
CA LYS A 347 21.66 -24.80 13.57
C LYS A 347 23.02 -24.30 13.07
N ASP A 348 24.07 -25.03 13.42
CA ASP A 348 25.45 -24.66 13.13
C ASP A 348 25.80 -24.80 11.66
N ASN A 349 26.69 -23.95 11.18
CA ASN A 349 27.36 -24.18 9.90
C ASN A 349 26.49 -24.16 8.67
N LEU A 350 25.39 -23.44 8.70
CA LEU A 350 24.58 -23.38 7.50
C LEU A 350 25.17 -22.36 6.55
N LYS A 351 25.07 -22.62 5.25
CA LYS A 351 25.52 -21.67 4.26
C LYS A 351 24.30 -20.88 3.77
N GLY A 352 24.39 -19.55 3.86
CA GLY A 352 23.23 -18.71 3.62
C GLY A 352 22.22 -18.97 4.71
N PHE A 353 20.94 -19.00 4.37
CA PHE A 353 19.89 -19.31 5.34
C PHE A 353 19.95 -20.77 5.78
N GLY A 354 20.19 -21.66 4.82
CA GLY A 354 20.30 -23.09 5.11
C GLY A 354 19.14 -23.95 4.61
N PHE A 355 18.19 -23.34 3.93
CA PHE A 355 17.12 -24.09 3.30
C PHE A 355 17.26 -24.07 1.78
N ASN A 356 16.76 -25.12 1.13
CA ASN A 356 16.64 -25.13 -0.32
C ASN A 356 15.18 -25.37 -0.72
N LEU A 357 14.87 -25.07 -1.98
CA LEU A 357 13.52 -25.29 -2.54
C LEU A 357 13.32 -26.60 -3.31
N ALA A 358 14.27 -27.52 -3.19
CA ALA A 358 14.30 -28.70 -4.06
C ALA A 358 12.95 -29.40 -4.24
N GLU A 359 12.25 -29.67 -3.14
CA GLU A 359 10.96 -30.34 -3.23
C GLU A 359 9.95 -29.52 -4.03
N ASN A 360 9.94 -28.20 -3.83
CA ASN A 360 8.98 -27.33 -4.50
C ASN A 360 9.34 -26.98 -5.94
N LEU A 361 10.60 -26.65 -6.18
CA LEU A 361 11.07 -26.26 -7.52
C LEU A 361 11.42 -27.40 -8.50
N TYR A 362 12.01 -28.47 -7.96
CA TYR A 362 12.71 -29.49 -8.73
C TYR A 362 12.03 -30.86 -8.67
N PHE A 363 11.74 -31.34 -7.47
CA PHE A 363 10.91 -32.53 -7.32
C PHE A 363 9.43 -32.15 -7.36
N VAL B 2 -35.98 -5.32 -4.79
CA VAL B 2 -34.92 -6.08 -4.14
C VAL B 2 -34.10 -6.89 -5.15
N SER B 3 -33.04 -6.27 -5.67
CA SER B 3 -32.12 -6.95 -6.58
C SER B 3 -30.90 -7.47 -5.82
N LYS B 4 -30.47 -8.68 -6.18
CA LYS B 4 -29.32 -9.33 -5.56
C LYS B 4 -28.21 -9.45 -6.58
N ILE B 5 -26.96 -9.34 -6.14
CA ILE B 5 -25.82 -9.54 -7.03
C ILE B 5 -25.54 -11.02 -7.11
N ILE B 6 -25.72 -11.60 -8.28
CA ILE B 6 -25.50 -13.04 -8.44
C ILE B 6 -24.28 -13.49 -9.23
N ASP B 7 -23.52 -12.56 -9.79
CA ASP B 7 -22.31 -12.95 -10.49
C ASP B 7 -21.31 -11.81 -10.53
N ILE B 8 -20.02 -12.16 -10.60
CA ILE B 8 -18.96 -11.18 -10.67
C ILE B 8 -17.97 -11.73 -11.67
N LYS B 9 -17.64 -10.93 -12.69
CA LYS B 9 -16.73 -11.38 -13.73
C LYS B 9 -15.77 -10.24 -14.04
N THR B 10 -14.63 -10.56 -14.65
CA THR B 10 -13.64 -9.55 -14.98
C THR B 10 -13.10 -9.73 -16.39
N SER B 11 -12.44 -8.70 -16.90
CA SER B 11 -11.66 -8.80 -18.13
C SER B 11 -10.54 -7.78 -18.10
N ILE B 12 -9.37 -8.17 -18.61
CA ILE B 12 -8.29 -7.22 -18.77
C ILE B 12 -8.55 -6.36 -20.01
N ILE B 13 -8.17 -5.09 -19.94
CA ILE B 13 -8.17 -4.22 -21.11
C ILE B 13 -6.78 -3.66 -21.32
N LYS B 14 -6.29 -3.75 -22.55
CA LYS B 14 -5.01 -3.09 -22.88
C LYS B 14 -5.25 -2.08 -24.01
N ILE B 15 -4.81 -0.85 -23.76
CA ILE B 15 -5.00 0.28 -24.68
C ILE B 15 -3.66 0.91 -25.09
N PRO B 16 -3.37 0.96 -26.39
CA PRO B 16 -2.15 1.65 -26.81
C PRO B 16 -2.29 3.19 -26.76
N LEU B 17 -1.21 3.90 -26.41
CA LEU B 17 -1.21 5.36 -26.39
C LEU B 17 -0.68 5.92 -27.72
N LYS B 18 -1.22 7.06 -28.17
CA LYS B 18 -0.76 7.70 -29.40
C LYS B 18 0.66 8.22 -29.30
N ARG B 19 1.12 8.46 -28.08
CA ARG B 19 2.46 9.01 -27.88
C ARG B 19 2.93 8.62 -26.49
N THR B 20 4.23 8.70 -26.24
CA THR B 20 4.79 8.21 -24.99
C THR B 20 4.53 9.14 -23.80
N PHE B 21 4.05 8.55 -22.71
CA PHE B 21 3.78 9.28 -21.48
C PHE B 21 4.96 9.11 -20.52
N ILE B 22 5.69 10.21 -20.25
CA ILE B 22 6.85 10.14 -19.37
C ILE B 22 6.74 11.13 -18.20
N THR B 23 6.88 10.61 -16.98
CA THR B 23 6.86 11.45 -15.79
C THR B 23 8.14 11.17 -15.05
N ALA B 24 8.35 11.85 -13.92
CA ALA B 24 9.53 11.60 -13.10
C ALA B 24 9.55 10.17 -12.59
N VAL B 25 8.39 9.57 -12.45
CA VAL B 25 8.29 8.21 -11.93
C VAL B 25 8.48 7.10 -12.97
N ARG B 26 7.92 7.28 -14.17
CA ARG B 26 8.06 6.25 -15.19
C ARG B 26 7.70 6.69 -16.59
N SER B 27 7.86 5.75 -17.52
CA SER B 27 7.58 5.98 -18.92
C SER B 27 6.70 4.84 -19.44
N THR B 28 5.68 5.15 -20.23
CA THR B 28 4.85 4.10 -20.80
C THR B 28 4.21 4.48 -22.13
N ASN B 29 4.01 3.47 -22.96
CA ASN B 29 3.20 3.53 -24.19
C ASN B 29 1.80 2.90 -24.16
N HIS B 30 1.35 2.45 -22.99
CA HIS B 30 0.08 1.73 -22.95
C HIS B 30 -0.61 1.85 -21.61
N ILE B 31 -1.88 1.47 -21.58
CA ILE B 31 -2.64 1.41 -20.34
C ILE B 31 -3.06 -0.03 -20.11
N ASP B 32 -2.80 -0.54 -18.91
CA ASP B 32 -3.30 -1.85 -18.47
C ASP B 32 -4.43 -1.57 -17.50
N SER B 33 -5.62 -2.15 -17.71
CA SER B 33 -6.71 -1.98 -16.77
C SER B 33 -7.44 -3.29 -16.54
N LEU B 34 -8.13 -3.38 -15.41
CA LEU B 34 -9.04 -4.50 -15.20
C LEU B 34 -10.46 -3.95 -15.18
N ALA B 35 -11.36 -4.61 -15.91
CA ALA B 35 -12.77 -4.26 -15.84
C ALA B 35 -13.48 -5.30 -15.00
N VAL B 36 -14.47 -4.86 -14.23
CA VAL B 36 -15.32 -5.81 -13.51
C VAL B 36 -16.78 -5.66 -13.92
N GLU B 37 -17.51 -6.77 -13.94
CA GLU B 37 -18.94 -6.79 -14.27
C GLU B 37 -19.70 -7.45 -13.12
N LEU B 38 -20.66 -6.73 -12.54
CA LEU B 38 -21.55 -7.30 -11.54
C LEU B 38 -22.88 -7.56 -12.22
N THR B 39 -23.42 -8.77 -12.02
CA THR B 39 -24.73 -9.12 -12.59
C THR B 39 -25.77 -9.25 -11.50
N LEU B 40 -26.88 -8.50 -11.63
CA LEU B 40 -28.04 -8.61 -10.76
C LEU B 40 -28.93 -9.79 -11.15
N ASP B 41 -29.77 -10.25 -10.22
CA ASP B 41 -30.64 -11.39 -10.50
C ASP B 41 -31.78 -11.04 -11.48
N ASN B 42 -31.95 -9.75 -11.76
CA ASN B 42 -32.89 -9.31 -12.78
C ASN B 42 -32.22 -9.14 -14.15
N GLY B 43 -30.95 -9.53 -14.24
CA GLY B 43 -30.25 -9.50 -15.52
C GLY B 43 -29.50 -8.20 -15.83
N VAL B 44 -29.74 -7.16 -15.05
CA VAL B 44 -29.01 -5.90 -15.21
C VAL B 44 -27.53 -6.05 -14.84
N LYS B 45 -26.62 -5.47 -15.63
CA LYS B 45 -25.18 -5.60 -15.38
C LYS B 45 -24.55 -4.24 -15.14
N GLY B 46 -23.48 -4.20 -14.35
CA GLY B 46 -22.86 -2.92 -14.05
C GLY B 46 -21.37 -3.09 -14.03
N TYR B 47 -20.67 -2.00 -14.37
CA TYR B 47 -19.28 -2.10 -14.78
C TYR B 47 -18.42 -1.07 -14.08
N GLY B 48 -17.18 -1.46 -13.82
CA GLY B 48 -16.18 -0.52 -13.33
C GLY B 48 -14.86 -0.91 -13.98
N VAL B 49 -13.96 0.05 -14.10
CA VAL B 49 -12.68 -0.16 -14.77
C VAL B 49 -11.65 0.62 -13.99
N ALA B 50 -10.51 -0.01 -13.70
CA ALA B 50 -9.46 0.64 -12.92
C ALA B 50 -8.11 0.31 -13.50
N PRO B 51 -7.16 1.24 -13.40
CA PRO B 51 -5.81 1.05 -13.95
C PRO B 51 -4.91 0.24 -13.03
N ALA B 52 -3.91 -0.45 -13.60
CA ALA B 52 -2.92 -1.07 -12.74
C ALA B 52 -1.67 -0.22 -12.81
N THR B 53 -1.55 0.77 -11.94
CA THR B 53 -0.38 1.62 -12.02
C THR B 53 0.43 1.24 -10.80
N THR B 54 1.35 0.31 -11.02
CA THR B 54 2.00 -0.34 -9.91
C THR B 54 2.94 0.63 -9.19
N ALA B 55 3.53 1.56 -9.94
CA ALA B 55 4.50 2.49 -9.36
C ALA B 55 3.85 3.55 -8.47
N ILE B 56 2.54 3.68 -8.56
CA ILE B 56 1.81 4.70 -7.82
C ILE B 56 0.88 4.12 -6.75
N THR B 57 -0.07 3.28 -7.17
CA THR B 57 -0.96 2.63 -6.21
C THR B 57 -0.55 1.23 -5.76
N GLY B 58 0.46 0.65 -6.41
CA GLY B 58 0.89 -0.70 -6.10
C GLY B 58 0.00 -1.79 -6.70
N ASP B 59 -1.04 -1.39 -7.42
CA ASP B 59 -1.96 -2.39 -7.98
C ASP B 59 -1.33 -3.08 -9.17
N THR B 60 -1.71 -4.34 -9.37
CA THR B 60 -1.31 -5.08 -10.56
C THR B 60 -2.59 -5.73 -11.11
N LEU B 61 -2.66 -6.01 -12.41
CA LEU B 61 -3.83 -6.72 -12.94
C LEU B 61 -4.05 -8.03 -12.21
N GLN B 62 -2.95 -8.72 -11.94
CA GLN B 62 -3.01 -10.05 -11.35
C GLN B 62 -3.48 -10.00 -9.89
N GLY B 63 -2.97 -9.04 -9.12
CA GLY B 63 -3.46 -8.84 -7.77
C GLY B 63 -4.92 -8.41 -7.75
N MSE B 64 -5.31 -7.50 -8.64
CA MSE B 64 -6.69 -7.00 -8.67
C MSE B 64 -7.66 -8.13 -8.98
O MSE B 64 -8.74 -8.24 -8.41
CB MSE B 64 -6.83 -5.93 -9.76
CG MSE B 64 -6.11 -4.61 -9.43
SE MSE B 64 -5.82 -3.57 -11.08
CE MSE B 64 -7.55 -2.74 -10.99
N GLN B 65 -7.27 -8.94 -9.93
CA GLN B 65 -8.03 -10.10 -10.38
C GLN B 65 -8.31 -11.07 -9.21
N TYR B 66 -7.26 -11.43 -8.47
CA TYR B 66 -7.42 -12.31 -7.31
C TYR B 66 -8.26 -11.67 -6.20
N ILE B 67 -7.97 -10.41 -5.88
CA ILE B 67 -8.71 -9.72 -4.84
C ILE B 67 -10.20 -9.64 -5.17
N ILE B 68 -10.51 -9.26 -6.40
CA ILE B 68 -11.92 -9.08 -6.74
C ILE B 68 -12.67 -10.40 -6.77
N ARG B 69 -12.10 -11.39 -7.44
CA ARG B 69 -12.79 -12.67 -7.63
C ARG B 69 -12.73 -13.61 -6.41
N GLU B 70 -11.61 -13.60 -5.67
CA GLU B 70 -11.46 -14.49 -4.51
C GLU B 70 -11.65 -13.91 -3.12
N ILE B 71 -11.56 -12.58 -2.99
CA ILE B 71 -11.66 -11.93 -1.70
C ILE B 71 -12.94 -11.12 -1.57
N PHE B 72 -13.16 -10.19 -2.48
CA PHE B 72 -14.38 -9.37 -2.47
C PHE B 72 -15.63 -10.19 -2.84
N ALA B 73 -15.51 -11.04 -3.86
CA ALA B 73 -16.67 -11.74 -4.40
C ALA B 73 -17.48 -12.50 -3.33
N PRO B 74 -16.81 -13.29 -2.49
CA PRO B 74 -17.58 -14.03 -1.48
C PRO B 74 -18.43 -13.13 -0.57
N VAL B 75 -17.95 -11.91 -0.32
CA VAL B 75 -18.68 -10.99 0.52
C VAL B 75 -19.87 -10.41 -0.26
N ILE B 76 -19.66 -10.17 -1.55
CA ILE B 76 -20.61 -9.48 -2.40
C ILE B 76 -21.72 -10.41 -2.93
N LEU B 77 -21.33 -11.60 -3.35
CA LEU B 77 -22.27 -12.51 -4.00
C LEU B 77 -23.40 -12.90 -3.07
N GLY B 78 -24.62 -12.76 -3.57
CA GLY B 78 -25.82 -13.09 -2.81
C GLY B 78 -26.37 -11.93 -2.03
N SER B 79 -25.60 -10.84 -1.97
CA SER B 79 -26.04 -9.67 -1.20
C SER B 79 -27.01 -8.80 -1.99
N ASP B 80 -27.86 -8.08 -1.27
CA ASP B 80 -28.79 -7.12 -1.85
C ASP B 80 -28.04 -5.87 -2.30
N LEU B 81 -28.37 -5.38 -3.50
CA LEU B 81 -27.76 -4.16 -4.00
C LEU B 81 -27.86 -2.99 -3.01
N SER B 82 -28.98 -2.92 -2.31
CA SER B 82 -29.23 -1.80 -1.40
C SER B 82 -28.33 -1.87 -0.17
N ASP B 83 -27.68 -3.00 0.00
CA ASP B 83 -26.72 -3.20 1.09
C ASP B 83 -25.29 -2.81 0.71
N TYR B 84 -25.15 -2.10 -0.41
CA TYR B 84 -23.83 -1.82 -0.96
C TYR B 84 -22.84 -1.19 0.02
N LYS B 85 -23.29 -0.25 0.85
CA LYS B 85 -22.36 0.42 1.76
C LYS B 85 -21.73 -0.52 2.78
N GLN B 86 -22.55 -1.34 3.45
CA GLN B 86 -22.07 -2.35 4.41
C GLN B 86 -21.23 -3.41 3.74
N THR B 87 -21.67 -3.82 2.56
CA THR B 87 -20.98 -4.88 1.85
C THR B 87 -19.57 -4.42 1.46
N LEU B 88 -19.45 -3.22 0.90
CA LEU B 88 -18.14 -2.69 0.50
C LEU B 88 -17.25 -2.47 1.72
N GLU B 89 -17.83 -1.96 2.81
CA GLU B 89 -17.05 -1.80 4.03
C GLU B 89 -16.48 -3.15 4.54
N LEU B 90 -17.33 -4.17 4.61
CA LEU B 90 -16.87 -5.50 5.01
C LEU B 90 -15.85 -6.10 4.04
N ALA B 91 -16.05 -5.89 2.74
CA ALA B 91 -15.11 -6.44 1.77
C ALA B 91 -13.76 -5.73 1.82
N PHE B 92 -13.79 -4.40 1.84
CA PHE B 92 -12.56 -3.63 1.75
C PHE B 92 -11.67 -3.79 2.97
N LYS B 93 -12.28 -4.13 4.11
CA LYS B 93 -11.53 -4.37 5.34
C LYS B 93 -10.58 -5.55 5.22
N LYS B 94 -10.84 -6.43 4.26
CA LYS B 94 -10.02 -7.63 4.11
C LYS B 94 -8.75 -7.38 3.29
N VAL B 95 -8.58 -6.16 2.80
CA VAL B 95 -7.48 -5.86 1.87
C VAL B 95 -6.83 -4.52 2.23
N MSE B 96 -5.55 -4.55 2.57
CA MSE B 96 -4.80 -3.31 2.76
C MSE B 96 -4.33 -2.84 1.37
O MSE B 96 -3.99 -3.66 0.54
CB MSE B 96 -3.61 -3.55 3.69
CG MSE B 96 -2.83 -2.31 4.04
SE MSE B 96 -3.92 -1.00 5.06
CE MSE B 96 -4.72 -2.14 6.30
N PHE B 97 -4.34 -1.53 1.13
CA PHE B 97 -3.93 -0.93 -0.15
C PHE B 97 -4.74 -1.49 -1.33
N ASN B 98 -4.10 -1.72 -2.47
CA ASN B 98 -4.84 -2.16 -3.67
C ASN B 98 -6.05 -1.29 -3.94
N SER B 99 -5.87 0.02 -3.89
CA SER B 99 -6.99 0.94 -4.05
C SER B 99 -7.64 0.86 -5.45
N ALA B 100 -6.87 0.53 -6.49
CA ALA B 100 -7.47 0.41 -7.82
C ALA B 100 -8.45 -0.77 -7.92
N ALA B 101 -8.12 -1.90 -7.28
CA ALA B 101 -9.09 -3.01 -7.23
C ALA B 101 -10.40 -2.53 -6.60
N LYS B 102 -10.29 -1.77 -5.52
CA LYS B 102 -11.47 -1.25 -4.86
C LYS B 102 -12.23 -0.25 -5.74
N MSE B 103 -11.50 0.58 -6.46
CA MSE B 103 -12.15 1.49 -7.40
C MSE B 103 -13.02 0.73 -8.39
O MSE B 103 -14.16 1.12 -8.62
CB MSE B 103 -11.11 2.29 -8.21
CG MSE B 103 -11.73 2.98 -9.45
SE MSE B 103 -10.31 3.89 -10.46
CE MSE B 103 -11.42 4.71 -11.88
N ALA B 104 -12.50 -0.35 -8.97
CA ALA B 104 -13.27 -1.07 -9.99
C ALA B 104 -14.62 -1.51 -9.43
N ILE B 105 -14.60 -2.05 -8.20
CA ILE B 105 -15.81 -2.60 -7.58
C ILE B 105 -16.81 -1.52 -7.20
N ASP B 106 -16.30 -0.46 -6.57
CA ASP B 106 -17.10 0.70 -6.21
C ASP B 106 -17.80 1.27 -7.45
N LEU B 107 -17.07 1.42 -8.54
CA LEU B 107 -17.68 1.94 -9.77
C LEU B 107 -18.79 1.03 -10.29
N ALA B 108 -18.54 -0.28 -10.33
CA ALA B 108 -19.58 -1.21 -10.80
C ALA B 108 -20.85 -1.07 -9.97
N TYR B 109 -20.70 -0.90 -8.67
CA TYR B 109 -21.87 -0.73 -7.80
C TYR B 109 -22.64 0.53 -8.15
N HIS B 110 -21.93 1.62 -8.39
CA HIS B 110 -22.59 2.86 -8.76
C HIS B 110 -23.31 2.74 -10.11
N ASP B 111 -22.70 2.01 -11.05
CA ASP B 111 -23.33 1.77 -12.34
C ASP B 111 -24.69 1.07 -12.13
N LEU B 112 -24.71 0.06 -11.26
CA LEU B 112 -25.95 -0.64 -10.93
C LEU B 112 -27.00 0.25 -10.28
N LEU B 113 -26.56 1.05 -9.30
CA LEU B 113 -27.48 1.90 -8.56
C LEU B 113 -28.18 2.87 -9.50
N ALA B 114 -27.40 3.45 -10.43
CA ALA B 114 -27.98 4.37 -11.40
C ALA B 114 -28.88 3.64 -12.40
N LYS B 115 -28.41 2.53 -12.94
CA LYS B 115 -29.21 1.77 -13.89
C LYS B 115 -30.55 1.35 -13.26
N GLU B 116 -30.53 0.97 -11.99
CA GLU B 116 -31.76 0.55 -11.31
C GLU B 116 -32.78 1.69 -11.18
N GLN B 117 -32.28 2.91 -11.19
CA GLN B 117 -33.14 4.09 -11.17
C GLN B 117 -33.37 4.65 -12.56
N ASP B 118 -32.87 3.95 -13.57
CA ASP B 118 -33.03 4.39 -14.95
C ASP B 118 -32.46 5.79 -15.17
N ILE B 119 -31.31 6.07 -14.55
CA ILE B 119 -30.62 7.35 -14.75
C ILE B 119 -29.11 7.14 -14.98
N SER B 120 -28.40 8.22 -15.28
CA SER B 120 -26.94 8.19 -15.38
C SER B 120 -26.32 8.23 -13.99
N VAL B 121 -25.07 7.79 -13.88
CA VAL B 121 -24.37 7.92 -12.61
C VAL B 121 -24.24 9.40 -12.24
N ALA B 122 -23.91 10.24 -13.22
CA ALA B 122 -23.80 11.67 -12.93
C ALA B 122 -25.11 12.19 -12.31
N LYS B 123 -26.25 11.79 -12.87
CA LYS B 123 -27.56 12.17 -12.31
C LYS B 123 -27.74 11.61 -10.90
N LEU B 124 -27.44 10.32 -10.74
CA LEU B 124 -27.52 9.67 -9.42
C LEU B 124 -26.76 10.45 -8.34
N LEU B 125 -25.56 10.90 -8.69
CA LEU B 125 -24.72 11.63 -7.72
C LEU B 125 -25.18 13.07 -7.53
N GLY B 126 -26.09 13.54 -8.37
CA GLY B 126 -26.65 14.86 -8.20
C GLY B 126 -26.06 15.96 -9.08
N ALA B 127 -25.40 15.57 -10.17
CA ALA B 127 -24.83 16.55 -11.08
C ALA B 127 -25.92 17.37 -11.77
N LYS B 128 -25.64 18.65 -11.96
CA LYS B 128 -26.44 19.55 -12.78
C LYS B 128 -25.78 19.74 -14.15
N ALA B 129 -24.53 20.23 -14.14
CA ALA B 129 -23.75 20.43 -15.35
C ALA B 129 -23.33 19.11 -16.03
N ASN B 130 -23.20 19.14 -17.36
CA ASN B 130 -22.67 18.03 -18.13
C ASN B 130 -21.26 18.19 -18.73
N SER B 131 -20.57 19.27 -18.38
CA SER B 131 -19.31 19.56 -19.04
C SER B 131 -18.21 19.97 -18.07
N ILE B 132 -17.01 19.43 -18.27
CA ILE B 132 -15.87 19.86 -17.46
C ILE B 132 -14.65 20.08 -18.35
N VAL B 133 -13.86 21.09 -18.02
CA VAL B 133 -12.67 21.41 -18.82
C VAL B 133 -11.44 20.73 -18.24
N THR B 134 -10.65 20.10 -19.11
CA THR B 134 -9.39 19.48 -18.69
C THR B 134 -8.18 20.20 -19.29
N ASP B 135 -7.05 20.13 -18.59
CA ASP B 135 -5.77 20.46 -19.20
C ASP B 135 -5.36 19.34 -20.14
N VAL B 136 -4.25 19.53 -20.84
CA VAL B 136 -3.56 18.40 -21.44
C VAL B 136 -2.20 18.36 -20.77
N SER B 137 -1.67 17.17 -20.55
CA SER B 137 -0.41 17.05 -19.83
C SER B 137 0.70 16.71 -20.81
N ILE B 138 1.92 17.07 -20.43
CA ILE B 138 3.07 17.06 -21.32
C ILE B 138 4.20 16.24 -20.71
N SER B 139 4.66 15.22 -21.42
CA SER B 139 5.71 14.35 -20.92
C SER B 139 7.02 15.08 -20.62
N CYS B 140 7.76 14.56 -19.66
CA CYS B 140 9.14 14.99 -19.45
C CYS B 140 9.89 14.75 -20.75
N GLY B 141 10.82 15.65 -21.05
CA GLY B 141 11.62 15.55 -22.26
C GLY B 141 12.51 16.79 -22.31
N ASN B 142 13.35 16.87 -23.33
CA ASN B 142 14.20 18.04 -23.48
C ASN B 142 13.35 19.25 -23.82
N VAL B 143 13.92 20.44 -23.65
CA VAL B 143 13.15 21.67 -23.83
C VAL B 143 12.45 21.76 -25.18
N ALA B 144 13.18 21.50 -26.26
CA ALA B 144 12.63 21.65 -27.61
C ALA B 144 11.42 20.74 -27.83
N GLU B 145 11.55 19.47 -27.46
CA GLU B 145 10.46 18.49 -27.57
C GLU B 145 9.27 18.97 -26.77
N THR B 146 9.56 19.46 -25.57
CA THR B 146 8.51 19.87 -24.63
C THR B 146 7.72 21.03 -25.22
N ILE B 147 8.42 22.05 -25.70
CA ILE B 147 7.77 23.17 -26.36
C ILE B 147 6.88 22.72 -27.51
N GLN B 148 7.37 21.76 -28.29
CA GLN B 148 6.60 21.25 -29.41
C GLN B 148 5.32 20.57 -28.94
N ASN B 149 5.43 19.74 -27.91
CA ASN B 149 4.25 19.08 -27.37
C ASN B 149 3.21 20.08 -26.85
N ILE B 150 3.66 21.16 -26.22
CA ILE B 150 2.73 22.18 -25.73
C ILE B 150 2.07 22.89 -26.90
N GLN B 151 2.86 23.24 -27.90
CA GLN B 151 2.31 23.83 -29.11
C GLN B 151 1.23 22.94 -29.73
N ASN B 152 1.50 21.64 -29.80
CA ASN B 152 0.50 20.68 -30.29
C ASN B 152 -0.78 20.78 -29.46
N GLY B 153 -0.61 20.89 -28.14
CA GLY B 153 -1.76 20.98 -27.26
C GLY B 153 -2.54 22.26 -27.51
N VAL B 154 -1.83 23.38 -27.62
CA VAL B 154 -2.50 24.66 -27.89
C VAL B 154 -3.27 24.64 -29.21
N GLU B 155 -2.69 24.06 -30.25
CA GLU B 155 -3.35 23.96 -31.54
C GLU B 155 -4.57 23.06 -31.46
N ALA B 156 -4.58 22.18 -30.46
CA ALA B 156 -5.70 21.27 -30.24
C ALA B 156 -6.81 21.91 -29.40
N ASN B 157 -6.67 23.19 -29.08
CA ASN B 157 -7.67 23.92 -28.28
C ASN B 157 -7.50 23.86 -26.75
N PHE B 158 -6.42 23.23 -26.26
CA PHE B 158 -6.14 23.25 -24.81
C PHE B 158 -5.49 24.57 -24.41
N THR B 159 -6.04 25.24 -23.40
CA THR B 159 -5.35 26.39 -22.80
C THR B 159 -4.76 26.19 -21.41
N ALA B 160 -5.05 25.04 -20.79
CA ALA B 160 -4.46 24.70 -19.51
C ALA B 160 -3.52 23.54 -19.78
N ILE B 161 -2.27 23.70 -19.36
CA ILE B 161 -1.22 22.81 -19.77
C ILE B 161 -0.52 22.28 -18.53
N LYS B 162 -0.60 20.98 -18.30
CA LYS B 162 0.12 20.40 -17.19
C LYS B 162 1.48 19.95 -17.67
N VAL B 163 2.53 20.56 -17.10
CA VAL B 163 3.89 20.27 -17.52
C VAL B 163 4.53 19.35 -16.48
N LYS B 164 4.87 18.13 -16.90
CA LYS B 164 5.57 17.21 -16.01
C LYS B 164 6.98 17.72 -15.76
N THR B 165 7.40 17.66 -14.50
CA THR B 165 8.76 18.09 -14.14
C THR B 165 9.32 17.05 -13.18
N GLY B 166 10.49 17.33 -12.62
CA GLY B 166 11.00 16.51 -11.53
C GLY B 166 11.93 15.39 -11.94
N ALA B 167 12.03 15.12 -13.24
CA ALA B 167 12.96 14.10 -13.75
C ALA B 167 14.36 14.68 -13.90
N ASP B 168 14.43 15.91 -14.39
CA ASP B 168 15.70 16.61 -14.57
C ASP B 168 15.54 18.06 -14.12
N PHE B 169 16.11 18.43 -12.97
CA PHE B 169 15.86 19.74 -12.39
C PHE B 169 16.47 20.87 -13.21
N ASN B 170 17.67 20.64 -13.75
CA ASN B 170 18.27 21.66 -14.61
C ASN B 170 17.41 21.92 -15.83
N ARG B 171 16.87 20.87 -16.42
CA ARG B 171 15.92 21.01 -17.53
C ARG B 171 14.69 21.81 -17.08
N ASP B 172 14.13 21.48 -15.93
CA ASP B 172 12.94 22.18 -15.43
C ASP B 172 13.18 23.70 -15.34
N ILE B 173 14.31 24.09 -14.78
CA ILE B 173 14.66 25.52 -14.69
C ILE B 173 14.80 26.16 -16.08
N GLN B 174 15.51 25.50 -16.98
CA GLN B 174 15.72 26.05 -18.32
C GLN B 174 14.41 26.16 -19.09
N LEU B 175 13.50 25.22 -18.85
CA LEU B 175 12.23 25.20 -19.57
C LEU B 175 11.42 26.47 -19.33
N LEU B 176 11.48 26.98 -18.10
CA LEU B 176 10.70 28.16 -17.72
C LEU B 176 11.01 29.34 -18.66
N LYS B 177 12.28 29.46 -19.02
CA LYS B 177 12.68 30.51 -19.93
C LYS B 177 11.98 30.33 -21.29
N ALA B 178 11.97 29.10 -21.78
CA ALA B 178 11.35 28.81 -23.08
C ALA B 178 9.84 29.02 -23.05
N LEU B 179 9.19 28.67 -21.95
CA LEU B 179 7.74 28.87 -21.85
C LEU B 179 7.44 30.37 -21.92
N ASP B 180 8.23 31.15 -21.20
CA ASP B 180 8.02 32.60 -21.15
C ASP B 180 8.19 33.22 -22.54
N ASN B 181 9.12 32.68 -23.31
CA ASN B 181 9.33 33.12 -24.67
C ASN B 181 8.20 32.71 -25.63
N GLU B 182 7.70 31.49 -25.48
CA GLU B 182 6.76 30.96 -26.47
C GLU B 182 5.28 31.19 -26.21
N PHE B 183 4.89 31.47 -24.98
CA PHE B 183 3.46 31.46 -24.67
C PHE B 183 3.00 32.71 -23.93
N SER B 184 1.75 33.08 -24.15
CA SER B 184 1.17 34.22 -23.47
C SER B 184 0.52 33.80 -22.16
N LYS B 185 -0.02 34.78 -21.45
CA LYS B 185 -0.63 34.54 -20.15
C LYS B 185 -2.05 34.00 -20.34
N ASN B 186 -2.48 33.87 -21.60
CA ASN B 186 -3.73 33.17 -21.87
C ASN B 186 -3.57 31.63 -21.76
N ILE B 187 -2.33 31.17 -21.71
CA ILE B 187 -2.03 29.77 -21.40
C ILE B 187 -1.72 29.62 -19.90
N LYS B 188 -2.44 28.73 -19.22
CA LYS B 188 -2.26 28.50 -17.79
C LYS B 188 -1.47 27.21 -17.54
N PHE B 189 -0.34 27.35 -16.85
CA PHE B 189 0.52 26.20 -16.56
C PHE B 189 0.24 25.55 -15.20
N ARG B 190 0.33 24.24 -15.18
CA ARG B 190 0.26 23.47 -13.95
C ARG B 190 1.51 22.59 -13.94
N PHE B 191 2.35 22.72 -12.93
CA PHE B 191 3.55 21.89 -12.88
C PHE B 191 3.34 20.71 -11.94
N ASP B 192 3.78 19.52 -12.36
CA ASP B 192 3.65 18.32 -11.55
C ASP B 192 4.98 17.61 -11.57
N ALA B 193 5.63 17.54 -10.40
CA ALA B 193 6.98 17.01 -10.30
C ALA B 193 6.96 15.52 -9.99
N ASN B 194 5.77 14.98 -9.75
CA ASN B 194 5.65 13.60 -9.31
C ASN B 194 6.67 13.28 -8.22
N GLN B 195 6.80 14.15 -7.22
CA GLN B 195 7.69 13.90 -6.08
C GLN B 195 9.18 14.06 -6.36
N GLY B 196 9.54 14.47 -7.57
CA GLY B 196 10.92 14.40 -8.02
C GLY B 196 11.90 15.44 -7.50
N TRP B 197 11.39 16.51 -6.89
CA TRP B 197 12.26 17.58 -6.37
C TRP B 197 12.47 17.41 -4.87
N ASN B 198 13.59 17.90 -4.36
CA ASN B 198 13.73 18.10 -2.93
C ASN B 198 13.23 19.51 -2.51
N LEU B 199 13.28 19.80 -1.23
CA LEU B 199 12.75 21.06 -0.70
C LEU B 199 13.46 22.28 -1.29
N ALA B 200 14.79 22.26 -1.32
CA ALA B 200 15.54 23.41 -1.84
C ALA B 200 15.20 23.67 -3.30
N GLN B 201 15.16 22.61 -4.09
CA GLN B 201 14.84 22.71 -5.51
C GLN B 201 13.44 23.28 -5.73
N THR B 202 12.49 22.83 -4.93
CA THR B 202 11.11 23.32 -5.08
C THR B 202 11.07 24.83 -4.84
N LYS B 203 11.71 25.30 -3.77
CA LYS B 203 11.73 26.73 -3.52
C LYS B 203 12.42 27.50 -4.65
N GLN B 204 13.52 26.95 -5.16
CA GLN B 204 14.23 27.56 -6.28
C GLN B 204 13.37 27.67 -7.54
N PHE B 205 12.57 26.63 -7.80
CA PHE B 205 11.72 26.59 -8.99
C PHE B 205 10.64 27.66 -8.89
N ILE B 206 10.04 27.76 -7.71
CA ILE B 206 9.00 28.76 -7.48
C ILE B 206 9.59 30.18 -7.60
N GLU B 207 10.78 30.38 -7.04
CA GLU B 207 11.48 31.64 -7.25
C GLU B 207 11.76 31.91 -8.72
N GLU B 208 12.19 30.89 -9.45
CA GLU B 208 12.47 31.05 -10.87
C GLU B 208 11.20 31.44 -11.62
N ILE B 209 10.09 30.78 -11.34
CA ILE B 209 8.83 31.12 -11.99
C ILE B 209 8.56 32.61 -11.87
N ASN B 210 8.79 33.13 -10.67
CA ASN B 210 8.48 34.53 -10.38
C ASN B 210 9.43 35.53 -11.04
N LYS B 211 10.43 35.03 -11.75
CA LYS B 211 11.31 35.89 -12.53
C LYS B 211 10.79 36.12 -13.94
N TYR B 212 9.76 35.37 -14.33
CA TYR B 212 9.23 35.42 -15.69
C TYR B 212 7.82 35.97 -15.67
N SER B 213 7.18 36.07 -16.82
CA SER B 213 5.77 36.41 -16.79
C SER B 213 5.01 35.20 -17.30
N LEU B 214 4.49 34.42 -16.36
CA LEU B 214 3.79 33.20 -16.69
C LEU B 214 2.53 33.14 -15.87
N ASN B 215 1.49 32.56 -16.45
CA ASN B 215 0.28 32.33 -15.70
C ASN B 215 0.45 30.91 -15.16
N VAL B 216 0.74 30.78 -13.87
CA VAL B 216 0.97 29.47 -13.25
C VAL B 216 -0.08 29.23 -12.18
N GLU B 217 -0.92 28.24 -12.42
CA GLU B 217 -2.07 27.94 -11.58
C GLU B 217 -1.74 27.07 -10.35
N ILE B 218 -0.85 26.10 -10.51
CA ILE B 218 -0.56 25.17 -9.41
C ILE B 218 0.83 24.56 -9.49
N ILE B 219 1.35 24.21 -8.32
CA ILE B 219 2.54 23.38 -8.20
C ILE B 219 2.10 22.10 -7.50
N GLU B 220 2.21 20.98 -8.20
CA GLU B 220 1.63 19.74 -7.70
C GLU B 220 2.69 18.75 -7.20
N GLN B 221 2.44 18.18 -6.02
CA GLN B 221 3.31 17.17 -5.40
C GLN B 221 4.80 17.36 -5.74
N PRO B 222 5.39 18.49 -5.30
CA PRO B 222 6.81 18.73 -5.60
C PRO B 222 7.76 17.73 -4.95
N VAL B 223 7.41 17.22 -3.77
CA VAL B 223 8.32 16.37 -3.00
C VAL B 223 7.69 15.00 -2.66
N LYS B 224 8.46 14.17 -1.96
CA LYS B 224 8.03 12.81 -1.59
C LYS B 224 6.68 12.79 -0.90
N TYR B 225 5.88 11.78 -1.20
CA TYR B 225 4.52 11.68 -0.70
C TYR B 225 4.48 11.76 0.83
N TYR B 226 5.52 11.26 1.49
CA TYR B 226 5.49 11.23 2.95
C TYR B 226 6.20 12.41 3.61
N ASP B 227 6.72 13.36 2.83
CA ASP B 227 7.42 14.43 3.52
C ASP B 227 6.40 15.52 3.64
N ILE B 228 5.63 15.44 4.71
CA ILE B 228 4.50 16.32 4.93
C ILE B 228 5.04 17.64 5.48
N LYS B 229 6.14 17.56 6.23
CA LYS B 229 6.80 18.77 6.73
C LYS B 229 7.29 19.66 5.59
N ALA B 230 7.92 19.06 4.59
CA ALA B 230 8.35 19.84 3.45
C ALA B 230 7.15 20.38 2.66
N MSE B 231 6.10 19.57 2.53
CA MSE B 231 4.90 20.03 1.83
C MSE B 231 4.33 21.27 2.54
O MSE B 231 3.91 22.22 1.90
CB MSE B 231 3.83 18.94 1.71
CG MSE B 231 4.16 17.85 0.66
SE MSE B 231 4.03 18.53 -1.16
CE MSE B 231 2.08 18.70 -1.24
N ALA B 232 4.31 21.23 3.87
CA ALA B 232 3.83 22.38 4.65
C ALA B 232 4.74 23.60 4.47
N GLU B 233 6.05 23.37 4.42
CA GLU B 233 7.01 24.45 4.26
C GLU B 233 6.85 25.09 2.88
N ILE B 234 6.67 24.25 1.87
CA ILE B 234 6.49 24.71 0.51
C ILE B 234 5.16 25.49 0.39
N THR B 235 4.13 24.94 1.01
CA THR B 235 2.81 25.57 0.96
C THR B 235 2.85 26.96 1.57
N LYS B 236 3.62 27.08 2.66
CA LYS B 236 3.76 28.36 3.37
C LYS B 236 4.67 29.35 2.60
N PHE B 237 5.63 28.82 1.84
CA PHE B 237 6.57 29.63 1.06
C PHE B 237 5.97 30.16 -0.23
N SER B 238 5.13 29.35 -0.86
CA SER B 238 4.70 29.60 -2.23
C SER B 238 3.53 30.58 -2.37
N ASN B 239 3.64 31.52 -3.32
CA ASN B 239 2.51 32.36 -3.73
C ASN B 239 1.55 31.62 -4.68
N ILE B 240 1.96 30.45 -5.15
CA ILE B 240 1.18 29.61 -6.07
C ILE B 240 0.55 28.45 -5.28
N PRO B 241 -0.75 28.16 -5.49
CA PRO B 241 -1.35 27.07 -4.72
C PRO B 241 -0.58 25.76 -4.87
N VAL B 242 -0.43 25.03 -3.78
CA VAL B 242 0.28 23.74 -3.77
C VAL B 242 -0.72 22.59 -3.68
N VAL B 243 -0.57 21.62 -4.57
CA VAL B 243 -1.52 20.52 -4.66
C VAL B 243 -0.89 19.22 -4.14
N ALA B 244 -1.60 18.55 -3.25
CA ALA B 244 -1.18 17.23 -2.78
C ALA B 244 -1.82 16.21 -3.70
N ASP B 245 -1.01 15.36 -4.32
CA ASP B 245 -1.54 14.25 -5.10
C ASP B 245 -1.16 12.96 -4.37
N GLU B 246 0.07 12.46 -4.55
CA GLU B 246 0.42 11.19 -3.92
C GLU B 246 0.40 11.23 -2.38
N SER B 247 0.48 12.43 -1.81
CA SER B 247 0.34 12.58 -0.36
C SER B 247 -1.08 12.30 0.13
N VAL B 248 -2.06 12.32 -0.76
CA VAL B 248 -3.45 12.03 -0.33
C VAL B 248 -4.12 10.98 -1.22
N PHE B 249 -4.30 9.80 -0.64
CA PHE B 249 -5.09 8.70 -1.24
C PHE B 249 -6.51 8.74 -0.69
N ASP B 250 -6.62 8.70 0.64
CA ASP B 250 -7.91 8.53 1.30
C ASP B 250 -8.27 9.66 2.27
N ALA B 251 -9.38 9.49 2.97
CA ALA B 251 -9.84 10.53 3.89
C ALA B 251 -8.86 10.78 5.05
N LYS B 252 -8.30 9.71 5.63
CA LYS B 252 -7.36 9.92 6.73
C LYS B 252 -6.06 10.62 6.24
N ASP B 253 -5.68 10.40 4.98
CA ASP B 253 -4.56 11.18 4.40
C ASP B 253 -4.95 12.65 4.31
N ALA B 254 -6.18 12.90 3.87
CA ALA B 254 -6.70 14.24 3.75
C ALA B 254 -6.68 14.94 5.12
N GLU B 255 -7.13 14.24 6.15
CA GLU B 255 -7.09 14.77 7.51
C GLU B 255 -5.68 15.19 7.94
N ARG B 256 -4.70 14.36 7.61
CA ARG B 256 -3.33 14.69 7.97
C ARG B 256 -2.84 15.96 7.25
N VAL B 257 -3.01 16.05 5.93
CA VAL B 257 -2.50 17.24 5.24
C VAL B 257 -3.27 18.51 5.60
N ILE B 258 -4.54 18.37 5.93
CA ILE B 258 -5.33 19.51 6.43
C ILE B 258 -4.77 19.95 7.79
N ASP B 259 -4.56 18.98 8.68
CA ASP B 259 -4.07 19.25 10.03
C ASP B 259 -2.69 19.91 10.02
N GLU B 260 -1.84 19.47 9.10
CA GLU B 260 -0.49 19.98 9.01
C GLU B 260 -0.31 21.14 8.03
N GLN B 261 -1.42 21.63 7.46
CA GLN B 261 -1.39 22.71 6.46
C GLN B 261 -0.39 22.41 5.34
N ALA B 262 -0.48 21.20 4.81
CA ALA B 262 0.52 20.71 3.87
C ALA B 262 0.13 20.90 2.41
N CYS B 263 -1.02 21.51 2.14
CA CYS B 263 -1.38 21.84 0.76
C CYS B 263 -2.49 22.89 0.74
N ASN B 264 -2.67 23.54 -0.40
CA ASN B 264 -3.87 24.36 -0.62
C ASN B 264 -4.99 23.67 -1.34
N MSE B 265 -4.69 22.55 -1.99
CA MSE B 265 -5.67 21.88 -2.82
C MSE B 265 -5.33 20.41 -2.85
O MSE B 265 -4.15 20.07 -2.83
CB MSE B 265 -5.65 22.47 -4.23
CG MSE B 265 -6.46 21.70 -5.26
SE MSE B 265 -6.43 22.61 -7.03
CE MSE B 265 -8.21 23.31 -7.00
N ILE B 266 -6.34 19.55 -2.90
CA ILE B 266 -6.11 18.11 -3.01
C ILE B 266 -6.50 17.61 -4.40
N ASN B 267 -5.63 16.80 -5.00
CA ASN B 267 -5.96 16.20 -6.27
C ASN B 267 -6.61 14.85 -5.97
N ILE B 268 -7.94 14.78 -6.14
CA ILE B 268 -8.67 13.53 -5.92
C ILE B 268 -8.60 12.63 -7.14
N LYS B 269 -8.19 11.39 -6.94
CA LYS B 269 -8.24 10.37 -8.01
C LYS B 269 -8.95 9.14 -7.51
N LEU B 270 -9.93 8.65 -8.26
CA LEU B 270 -10.66 7.45 -7.85
C LEU B 270 -9.74 6.23 -7.72
N ALA B 271 -8.65 6.18 -8.49
CA ALA B 271 -7.73 5.02 -8.39
C ALA B 271 -6.94 5.03 -7.06
N LYS B 272 -6.77 6.21 -6.46
CA LYS B 272 -6.24 6.34 -5.10
C LYS B 272 -7.28 6.15 -4.01
N THR B 273 -8.49 6.70 -4.20
CA THR B 273 -9.50 6.64 -3.15
C THR B 273 -10.13 5.27 -3.02
N GLY B 274 -10.00 4.46 -4.07
CA GLY B 274 -10.74 3.19 -4.07
C GLY B 274 -12.21 3.44 -4.41
N GLY B 275 -12.46 4.45 -5.25
CA GLY B 275 -13.81 4.70 -5.74
C GLY B 275 -14.50 5.93 -5.19
N ILE B 276 -15.77 6.06 -5.58
CA ILE B 276 -16.56 7.27 -5.32
C ILE B 276 -16.90 7.49 -3.85
N LEU B 277 -17.24 6.42 -3.14
CA LEU B 277 -17.61 6.58 -1.73
C LEU B 277 -16.51 7.25 -0.91
N GLU B 278 -15.27 6.76 -1.03
CA GLU B 278 -14.17 7.38 -0.30
C GLU B 278 -13.84 8.79 -0.84
N ALA B 279 -13.95 8.98 -2.14
CA ALA B 279 -13.70 10.31 -2.72
C ALA B 279 -14.68 11.36 -2.18
N GLN B 280 -15.95 10.97 -1.99
CA GLN B 280 -16.94 11.86 -1.41
C GLN B 280 -16.52 12.29 -0.01
N LYS B 281 -15.93 11.38 0.74
CA LYS B 281 -15.53 11.66 2.12
C LYS B 281 -14.42 12.70 2.14
N ILE B 282 -13.45 12.55 1.24
CA ILE B 282 -12.39 13.54 1.11
C ILE B 282 -12.94 14.92 0.77
N LYS B 283 -13.83 14.99 -0.21
CA LYS B 283 -14.37 16.28 -0.63
C LYS B 283 -15.02 16.97 0.58
N LYS B 284 -15.75 16.20 1.39
CA LYS B 284 -16.46 16.76 2.53
C LYS B 284 -15.50 17.33 3.57
N LEU B 285 -14.41 16.61 3.85
CA LEU B 285 -13.40 17.08 4.78
C LEU B 285 -12.72 18.33 4.25
N ALA B 286 -12.39 18.31 2.96
CA ALA B 286 -11.74 19.46 2.34
C ALA B 286 -12.64 20.70 2.37
N ASP B 287 -13.94 20.53 2.11
CA ASP B 287 -14.87 21.67 2.17
C ASP B 287 -14.88 22.27 3.59
N SER B 288 -14.94 21.41 4.60
CA SER B 288 -15.00 21.88 5.99
C SER B 288 -13.73 22.62 6.37
N ALA B 289 -12.61 22.24 5.77
CA ALA B 289 -11.32 22.85 6.09
C ALA B 289 -11.02 24.07 5.24
N GLY B 290 -11.88 24.37 4.27
CA GLY B 290 -11.63 25.47 3.36
C GLY B 290 -10.50 25.17 2.39
N ILE B 291 -10.30 23.88 2.11
CA ILE B 291 -9.30 23.41 1.16
C ILE B 291 -10.00 23.09 -0.16
N SER B 292 -9.44 23.54 -1.28
CA SER B 292 -10.06 23.22 -2.58
C SER B 292 -9.70 21.80 -3.07
N CYS B 293 -10.53 21.26 -3.96
CA CYS B 293 -10.21 19.99 -4.61
C CYS B 293 -10.22 20.13 -6.12
N MSE B 294 -9.35 19.36 -6.79
CA MSE B 294 -9.42 19.18 -8.23
C MSE B 294 -9.60 17.68 -8.42
O MSE B 294 -9.45 16.93 -7.46
CB MSE B 294 -8.13 19.63 -8.92
CG MSE B 294 -6.86 18.86 -8.49
SE MSE B 294 -5.26 19.46 -9.46
CE MSE B 294 -5.58 18.53 -11.17
N VAL B 295 -9.95 17.25 -9.63
CA VAL B 295 -9.89 15.82 -9.95
C VAL B 295 -8.77 15.52 -10.94
N GLY B 296 -8.26 14.29 -10.84
CA GLY B 296 -7.15 13.85 -11.63
C GLY B 296 -7.36 12.37 -11.92
N CYS B 297 -6.36 11.75 -12.53
CA CYS B 297 -6.49 10.37 -12.96
C CYS B 297 -5.08 9.78 -13.10
N MSE B 298 -4.98 8.46 -13.22
CA MSE B 298 -3.75 7.87 -13.72
C MSE B 298 -3.82 8.00 -15.24
O MSE B 298 -4.82 8.49 -15.78
CB MSE B 298 -3.69 6.38 -13.31
CG MSE B 298 -3.88 6.17 -11.81
SE MSE B 298 -2.49 7.19 -10.79
CE MSE B 298 -3.38 7.15 -9.03
N MSE B 299 -2.84 7.48 -15.95
CA MSE B 299 -2.98 7.51 -17.40
C MSE B 299 -3.82 6.25 -17.57
O MSE B 299 -3.30 5.14 -17.57
CB MSE B 299 -1.60 7.36 -18.05
CG MSE B 299 -1.61 7.10 -19.57
SE MSE B 299 -2.56 8.50 -20.56
CE MSE B 299 -1.58 10.08 -19.94
N GLU B 300 -5.12 6.44 -17.77
CA GLU B 300 -6.05 5.33 -17.63
C GLU B 300 -7.15 5.39 -18.68
N SER B 301 -8.02 4.39 -18.65
CA SER B 301 -8.99 4.24 -19.73
C SER B 301 -10.05 5.32 -19.64
N PRO B 302 -10.67 5.62 -20.79
CA PRO B 302 -11.76 6.59 -20.82
C PRO B 302 -12.88 6.26 -19.82
N ALA B 303 -13.05 5.00 -19.45
CA ALA B 303 -14.14 4.65 -18.52
C ALA B 303 -13.89 5.27 -17.15
N GLY B 304 -12.64 5.24 -16.71
CA GLY B 304 -12.27 5.89 -15.47
C GLY B 304 -12.42 7.40 -15.57
N ILE B 305 -12.16 7.95 -16.75
CA ILE B 305 -12.33 9.38 -16.96
C ILE B 305 -13.80 9.78 -16.81
N LEU B 306 -14.69 9.05 -17.48
CA LEU B 306 -16.13 9.30 -17.36
C LEU B 306 -16.60 9.23 -15.92
N ALA B 307 -16.15 8.19 -15.20
CA ALA B 307 -16.53 8.06 -13.79
C ALA B 307 -16.04 9.25 -12.97
N THR B 308 -14.82 9.68 -13.23
CA THR B 308 -14.23 10.77 -12.47
C THR B 308 -14.94 12.10 -12.80
N ALA B 309 -15.23 12.30 -14.07
CA ALA B 309 -15.98 13.48 -14.51
C ALA B 309 -17.37 13.52 -13.88
N SER B 310 -18.03 12.36 -13.81
CA SER B 310 -19.37 12.29 -13.18
C SER B 310 -19.30 12.73 -11.72
N PHE B 311 -18.29 12.25 -11.01
CA PHE B 311 -18.05 12.66 -9.63
C PHE B 311 -17.77 14.17 -9.53
N ALA B 312 -16.83 14.67 -10.31
CA ALA B 312 -16.49 16.10 -10.27
C ALA B 312 -17.72 16.97 -10.53
N LEU B 313 -18.48 16.63 -11.57
CA LEU B 313 -19.70 17.38 -11.88
C LEU B 313 -20.67 17.42 -10.69
N ALA B 314 -20.79 16.31 -9.98
CA ALA B 314 -21.70 16.23 -8.83
C ALA B 314 -21.17 16.99 -7.63
N GLU B 315 -19.86 17.13 -7.53
CA GLU B 315 -19.22 17.77 -6.39
C GLU B 315 -18.84 19.24 -6.59
N ASP B 316 -19.24 19.82 -7.73
CA ASP B 316 -18.85 21.19 -8.07
C ASP B 316 -17.32 21.34 -8.10
N ILE B 317 -16.64 20.35 -8.66
CA ILE B 317 -15.20 20.47 -8.85
C ILE B 317 -14.98 20.84 -10.31
N THR B 318 -14.39 22.01 -10.55
CA THR B 318 -14.16 22.46 -11.91
C THR B 318 -12.73 22.37 -12.43
N VAL B 319 -11.77 22.12 -11.55
CA VAL B 319 -10.38 21.99 -12.00
C VAL B 319 -10.11 20.50 -12.22
N ALA B 320 -9.63 20.15 -13.40
CA ALA B 320 -9.50 18.76 -13.80
C ALA B 320 -8.23 18.49 -14.61
N ASP B 321 -7.49 17.44 -14.27
CA ASP B 321 -6.49 16.91 -15.19
C ASP B 321 -7.00 15.52 -15.56
N LEU B 322 -7.81 15.51 -16.62
CA LEU B 322 -8.53 14.38 -17.21
C LEU B 322 -8.11 13.99 -18.64
N ASP B 323 -6.90 14.37 -19.02
CA ASP B 323 -6.36 14.27 -20.37
C ASP B 323 -6.24 12.91 -21.12
N PRO B 324 -6.27 11.76 -20.42
CA PRO B 324 -6.02 10.51 -21.16
C PRO B 324 -6.83 10.36 -22.44
N LEU B 325 -8.03 10.96 -22.52
CA LEU B 325 -8.82 10.91 -23.75
C LEU B 325 -8.00 11.41 -24.94
N ASP B 326 -7.06 12.31 -24.66
CA ASP B 326 -6.30 12.94 -25.74
C ASP B 326 -5.15 12.03 -26.18
N TRP B 327 -4.90 10.99 -25.39
CA TRP B 327 -3.79 10.08 -25.66
C TRP B 327 -4.21 8.78 -26.36
N VAL B 328 -5.50 8.61 -26.59
CA VAL B 328 -6.01 7.35 -27.12
C VAL B 328 -6.98 7.58 -28.26
N ALA B 329 -7.31 6.52 -29.01
CA ALA B 329 -8.24 6.62 -30.13
C ALA B 329 -9.62 7.10 -29.68
N LYS B 330 -10.16 8.07 -30.41
CA LYS B 330 -11.47 8.64 -30.09
C LYS B 330 -12.57 7.59 -30.01
N ASP B 331 -12.49 6.56 -30.85
CA ASP B 331 -13.58 5.58 -30.94
C ASP B 331 -13.67 4.72 -29.70
N LEU B 332 -12.67 4.79 -28.84
CA LEU B 332 -12.72 4.08 -27.57
C LEU B 332 -13.76 4.70 -26.63
N TYR B 333 -13.88 6.03 -26.63
CA TYR B 333 -14.86 6.73 -25.78
C TYR B 333 -16.12 7.36 -26.42
N SER B 334 -16.25 7.35 -27.73
CA SER B 334 -17.27 8.19 -28.37
C SER B 334 -18.70 7.71 -28.11
N ASP B 335 -18.86 6.48 -27.65
CA ASP B 335 -20.16 5.98 -27.24
C ASP B 335 -20.71 6.72 -26.02
N TYR B 336 -19.82 6.96 -25.06
CA TYR B 336 -20.21 7.62 -23.81
C TYR B 336 -19.75 9.06 -23.51
N ILE B 337 -18.86 9.62 -24.33
CA ILE B 337 -18.34 10.96 -24.06
C ILE B 337 -18.18 11.74 -25.34
N THR B 338 -18.50 13.04 -25.30
CA THR B 338 -18.14 13.93 -26.37
C THR B 338 -16.94 14.73 -25.90
N PHE B 339 -15.80 14.59 -26.56
CA PHE B 339 -14.64 15.35 -26.15
C PHE B 339 -14.52 16.42 -27.19
N ASN B 340 -14.99 17.62 -26.88
CA ASN B 340 -14.76 18.74 -27.77
C ASN B 340 -13.66 19.50 -27.10
N GLU B 341 -12.42 19.29 -27.53
CA GLU B 341 -11.29 19.68 -26.70
C GLU B 341 -11.37 21.19 -26.43
N PRO B 342 -11.07 21.62 -25.18
CA PRO B 342 -10.73 20.76 -24.05
C PRO B 342 -11.89 20.40 -23.14
N ASN B 343 -13.09 20.24 -23.69
CA ASN B 343 -14.26 20.02 -22.86
C ASN B 343 -14.68 18.57 -22.92
N ILE B 344 -14.82 17.97 -21.75
CA ILE B 344 -15.35 16.63 -21.63
C ILE B 344 -16.84 16.78 -21.35
N ILE B 345 -17.65 16.27 -22.27
CA ILE B 345 -19.09 16.47 -22.20
C ILE B 345 -19.79 15.13 -22.13
N LEU B 346 -20.60 14.94 -21.11
CA LEU B 346 -21.36 13.70 -20.98
C LEU B 346 -22.46 13.68 -22.03
N LYS B 347 -22.64 12.51 -22.65
CA LYS B 347 -23.72 12.36 -23.61
C LYS B 347 -25.05 12.24 -22.87
N ASP B 348 -26.13 12.60 -23.57
CA ASP B 348 -27.47 12.58 -23.00
C ASP B 348 -28.01 11.17 -22.83
N ASN B 349 -28.86 11.00 -21.83
CA ASN B 349 -29.74 9.84 -21.74
C ASN B 349 -29.04 8.49 -21.60
N LEU B 350 -27.80 8.48 -21.13
CA LEU B 350 -27.16 7.21 -20.83
C LEU B 350 -27.65 6.67 -19.50
N LYS B 351 -27.75 5.35 -19.40
CA LYS B 351 -28.14 4.72 -18.15
C LYS B 351 -26.90 4.18 -17.46
N GLY B 352 -26.75 4.47 -16.17
CA GLY B 352 -25.50 4.18 -15.49
C GLY B 352 -24.42 5.06 -16.07
N PHE B 353 -23.22 4.52 -16.26
CA PHE B 353 -22.13 5.27 -16.88
C PHE B 353 -22.35 5.34 -18.39
N GLY B 354 -22.69 4.20 -18.98
CA GLY B 354 -22.85 4.08 -20.41
C GLY B 354 -21.69 3.43 -21.17
N PHE B 355 -20.76 2.79 -20.45
CA PHE B 355 -19.51 2.29 -21.05
C PHE B 355 -19.64 1.32 -22.22
N ASN B 356 -20.65 0.47 -22.19
CA ASN B 356 -20.83 -0.47 -23.28
C ASN B 356 -19.68 -1.51 -23.40
N LEU B 357 -19.22 -2.07 -22.28
CA LEU B 357 -17.98 -2.89 -22.25
C LEU B 357 -18.13 -4.31 -22.76
N ALA B 358 -19.28 -4.92 -22.50
CA ALA B 358 -19.49 -6.30 -22.94
C ALA B 358 -19.45 -6.43 -24.46
N GLU B 359 -19.68 -5.32 -25.17
CA GLU B 359 -19.63 -5.35 -26.64
C GLU B 359 -18.25 -5.74 -27.14
N ASN B 360 -17.23 -5.20 -26.47
CA ASN B 360 -15.83 -5.40 -26.84
C ASN B 360 -14.93 -6.30 -25.99
N LEU B 361 -15.46 -6.83 -24.89
CA LEU B 361 -14.65 -7.62 -23.97
C LEU B 361 -15.39 -8.86 -23.55
N TYR B 362 -14.65 -9.94 -23.30
CA TYR B 362 -15.26 -11.17 -22.88
C TYR B 362 -15.08 -11.34 -21.37
N PHE B 363 -16.16 -11.18 -20.61
CA PHE B 363 -16.07 -11.27 -19.15
C PHE B 363 -16.13 -12.71 -18.65
N GLN B 364 -15.26 -13.03 -17.69
CA GLN B 364 -15.20 -14.38 -17.12
C GLN B 364 -15.14 -14.37 -15.60
N SER B 365 -15.81 -15.32 -14.95
CA SER B 365 -15.75 -15.44 -13.49
C SER B 365 -14.54 -16.26 -13.00
S SO4 C . -7.87 -24.06 3.82
O1 SO4 C . -8.46 -23.09 4.73
O2 SO4 C . -6.45 -24.23 4.15
O3 SO4 C . -8.54 -25.35 3.96
O4 SO4 C . -8.01 -23.58 2.45
S SO4 D . 9.07 -18.47 -13.13
O1 SO4 D . 8.71 -17.24 -12.42
O2 SO4 D . 9.90 -19.32 -12.27
O3 SO4 D . 7.86 -19.20 -13.46
O4 SO4 D . 9.80 -18.14 -14.35
S SO4 E . -8.92 -27.22 14.39
O1 SO4 E . -8.44 -26.07 15.17
O2 SO4 E . -7.82 -28.14 14.15
O3 SO4 E . -9.98 -27.89 15.13
O4 SO4 E . -9.46 -26.76 13.11
S SO4 F . -5.60 -10.35 13.76
O1 SO4 F . -5.70 -9.00 14.30
O2 SO4 F . -4.20 -10.77 13.70
O3 SO4 F . -6.34 -11.28 14.63
O4 SO4 F . -6.16 -10.35 12.41
MG MG G . 0.90 -6.72 16.26
C1 GOL H . 2.20 1.56 5.94
O1 GOL H . 0.85 1.94 6.17
C2 GOL H . 2.98 2.70 5.30
O2 GOL H . 4.36 2.43 5.39
C3 GOL H . 2.61 2.85 3.81
O3 GOL H . 3.33 3.90 3.19
C1 GOL I . 23.39 -28.74 14.69
O1 GOL I . 23.74 -27.40 14.94
C2 GOL I . 22.34 -29.18 15.70
O2 GOL I . 22.04 -28.11 16.58
C3 GOL I . 22.89 -30.35 16.51
O3 GOL I . 23.01 -31.47 15.65
S SO4 J . 0.31 10.93 -12.80
O1 SO4 J . 0.36 11.77 -11.59
O2 SO4 J . 1.66 10.44 -13.04
O3 SO4 J . -0.61 9.82 -12.55
O4 SO4 J . -0.14 11.73 -13.93
S SO4 K . 5.64 0.19 -23.10
O1 SO4 K . 6.66 1.24 -23.06
O2 SO4 K . 6.00 -0.87 -22.16
O3 SO4 K . 4.35 0.76 -22.72
O4 SO4 K . 5.53 -0.35 -24.45
S SO4 L . -8.36 9.14 -33.36
O1 SO4 L . -8.66 9.96 -32.19
O2 SO4 L . -6.92 9.14 -33.62
O3 SO4 L . -8.79 7.76 -33.13
O4 SO4 L . -9.08 9.69 -34.50
S SO4 M . -23.76 -0.65 -20.60
O1 SO4 M . -23.99 0.65 -21.21
O2 SO4 M . -22.74 -0.53 -19.56
O3 SO4 M . -24.98 -1.13 -20.00
O4 SO4 M . -23.30 -1.57 -21.64
C1 GOL N . -1.55 4.50 2.55
O1 GOL N . -2.25 4.18 3.76
C2 GOL N . -1.79 5.96 2.13
O2 GOL N . -3.17 6.22 2.06
C3 GOL N . -1.15 6.29 0.79
O3 GOL N . 0.25 6.39 0.93
C1 GOL O . -11.92 1.32 -21.90
O1 GOL O . -12.67 2.50 -21.68
C2 GOL O . -12.49 0.53 -23.08
O2 GOL O . -11.44 0.07 -23.91
C3 GOL O . -13.45 1.38 -23.90
O3 GOL O . -14.63 1.60 -23.17
C1 GOL P . -4.08 37.09 -14.74
O1 GOL P . -2.78 37.60 -14.62
C2 GOL P . -4.41 36.18 -13.56
O2 GOL P . -3.57 35.03 -13.57
C3 GOL P . -5.88 35.80 -13.61
O3 GOL P . -6.19 34.89 -12.58
C1 GOL Q . 9.64 0.52 -15.93
O1 GOL Q . 8.68 -0.34 -15.33
C2 GOL Q . 9.29 1.97 -15.63
O2 GOL Q . 10.30 2.54 -14.80
C3 GOL Q . 9.21 2.78 -16.91
O3 GOL Q . 10.50 3.24 -17.25
#